data_1K23
#
_entry.id   1K23
#
_cell.length_a   80.290
_cell.length_b   130.560
_cell.length_c   150.470
_cell.angle_alpha   90.00
_cell.angle_beta   90.00
_cell.angle_gamma   90.00
#
_symmetry.space_group_name_H-M   'P 21 21 21'
#
loop_
_entity.id
_entity.type
_entity.pdbx_description
1 polymer 'Manganese-dependent inorganic pyrophosphatase'
2 non-polymer 'MANGANESE (II) ION'
3 water water
#
_entity_poly.entity_id   1
_entity_poly.type   'polypeptide(L)'
_entity_poly.pdbx_seq_one_letter_code
;(MSE)EKILIFGHQNPDTDTICSAIAYADLKNKLGFNAEPVRLGQVNGETQYALDYFKQESPRLVETAANEVNGVILVDH
NERQQSIKDIEEVQVLEVIDHHRIANFETAEPLYYRAEPVGCTATILNK(MSE)YKENNVKIEKEIAGL(MSE)LSAIIS
DSLLFKSPTCTDQDVAAAKELAEIAGVDAEEYGLN(MSE)LKAGADLSKKTVEELISLDAKEFTLGSKKVEIAQVNTVDI
EDVKKRQAELEAVISKVVAEKNLDLFLLVITDILENDSLALAIGNEAAKVEKAFNVTLENNTALLKGVVSRKKQVVPVLT
DA(MSE)AE
;
_entity_poly.pdbx_strand_id   A,B,C,D
#
loop_
_chem_comp.id
_chem_comp.type
_chem_comp.name
_chem_comp.formula
MN non-polymer 'MANGANESE (II) ION' 'Mn 2'
#
# COMPACT_ATOMS: atom_id res chain seq x y z
N MSE A 1 -30.99 -14.20 1.50
CA MSE A 1 -29.75 -14.37 2.31
C MSE A 1 -30.03 -14.57 3.79
O MSE A 1 -30.80 -13.82 4.39
CB MSE A 1 -28.84 -13.15 2.09
CG MSE A 1 -28.33 -13.01 0.67
SE MSE A 1 -27.32 -14.56 0.11
CE MSE A 1 -26.34 -14.91 1.73
N GLU A 2 -29.40 -15.57 4.40
CA GLU A 2 -29.57 -15.87 5.82
C GLU A 2 -29.13 -14.60 6.55
N LYS A 3 -29.77 -14.23 7.66
CA LYS A 3 -29.35 -13.00 8.33
C LYS A 3 -28.14 -13.18 9.20
N ILE A 4 -27.27 -12.19 9.19
CA ILE A 4 -26.05 -12.21 9.95
C ILE A 4 -26.04 -11.01 10.88
N LEU A 5 -25.33 -11.14 11.98
CA LEU A 5 -25.22 -10.06 12.94
C LEU A 5 -23.74 -9.70 13.00
N ILE A 6 -23.40 -8.42 12.88
CA ILE A 6 -21.99 -8.03 12.96
C ILE A 6 -21.79 -7.17 14.21
N PHE A 7 -20.78 -7.47 15.02
CA PHE A 7 -20.56 -6.70 16.23
C PHE A 7 -19.16 -6.78 16.79
N GLY A 8 -18.79 -5.80 17.61
CA GLY A 8 -17.47 -5.79 18.21
C GLY A 8 -17.49 -6.31 19.63
N HIS A 9 -16.46 -6.00 20.41
CA HIS A 9 -16.39 -6.48 21.79
C HIS A 9 -17.30 -5.76 22.77
N GLN A 10 -17.25 -6.16 24.03
CA GLN A 10 -18.05 -5.51 25.06
C GLN A 10 -17.36 -4.21 25.46
N ASN A 11 -18.00 -3.37 26.28
CA ASN A 11 -17.41 -2.10 26.67
C ASN A 11 -16.87 -1.53 25.35
N PRO A 12 -17.75 -1.30 24.39
CA PRO A 12 -17.47 -0.79 23.04
C PRO A 12 -16.69 0.53 22.87
N ASP A 13 -15.60 0.43 22.12
CA ASP A 13 -14.76 1.57 21.79
C ASP A 13 -15.23 2.01 20.42
N THR A 14 -14.78 3.17 19.96
CA THR A 14 -15.22 3.68 18.67
C THR A 14 -14.91 2.78 17.49
N ASP A 15 -13.95 1.89 17.66
CA ASP A 15 -13.61 0.97 16.57
C ASP A 15 -14.68 -0.09 16.50
N THR A 16 -15.03 -0.64 17.66
CA THR A 16 -16.04 -1.66 17.75
C THR A 16 -17.41 -1.22 17.26
N ILE A 17 -17.74 0.05 17.44
CA ILE A 17 -19.04 0.53 16.97
C ILE A 17 -18.97 0.87 15.49
N CYS A 18 -18.04 1.72 15.09
CA CYS A 18 -17.94 2.11 13.69
C CYS A 18 -17.58 0.99 12.71
N SER A 19 -16.60 0.16 13.05
CA SER A 19 -16.24 -0.92 12.13
C SER A 19 -17.39 -1.89 11.96
N ALA A 20 -18.21 -2.07 13.00
CA ALA A 20 -19.34 -2.97 12.87
C ALA A 20 -20.31 -2.38 11.86
N ILE A 21 -20.56 -1.09 11.96
CA ILE A 21 -21.46 -0.42 11.02
C ILE A 21 -20.88 -0.43 9.61
N ALA A 22 -19.58 -0.13 9.52
CA ALA A 22 -18.88 -0.08 8.23
C ALA A 22 -18.90 -1.39 7.47
N TYR A 23 -18.45 -2.46 8.12
CA TYR A 23 -18.39 -3.75 7.47
C TYR A 23 -19.75 -4.32 7.14
N ALA A 24 -20.77 -3.94 7.90
CA ALA A 24 -22.11 -4.42 7.61
C ALA A 24 -22.49 -3.77 6.28
N ASP A 25 -22.12 -2.51 6.11
CA ASP A 25 -22.42 -1.82 4.86
C ASP A 25 -21.74 -2.57 3.72
N LEU A 26 -20.43 -2.77 3.83
CA LEU A 26 -19.67 -3.47 2.80
C LEU A 26 -20.34 -4.79 2.47
N LYS A 27 -20.71 -5.53 3.51
CA LYS A 27 -21.34 -6.82 3.34
C LYS A 27 -22.66 -6.71 2.60
N ASN A 28 -23.48 -5.73 2.98
CA ASN A 28 -24.75 -5.55 2.32
C ASN A 28 -24.56 -5.16 0.87
N LYS A 29 -23.60 -4.28 0.60
CA LYS A 29 -23.36 -3.84 -0.77
C LYS A 29 -22.90 -5.02 -1.63
N LEU A 30 -22.44 -6.09 -0.98
CA LEU A 30 -21.99 -7.25 -1.72
C LEU A 30 -23.07 -8.33 -1.80
N GLY A 31 -24.29 -7.95 -1.45
CA GLY A 31 -25.41 -8.88 -1.53
C GLY A 31 -25.77 -9.71 -0.33
N PHE A 32 -25.28 -9.36 0.84
CA PHE A 32 -25.64 -10.14 2.01
C PHE A 32 -26.71 -9.44 2.83
N ASN A 33 -27.13 -10.09 3.90
CA ASN A 33 -28.13 -9.56 4.80
C ASN A 33 -27.50 -9.41 6.19
N ALA A 34 -26.80 -8.30 6.41
CA ALA A 34 -26.12 -8.06 7.68
C ALA A 34 -26.64 -6.83 8.41
N GLU A 35 -26.54 -6.86 9.73
CA GLU A 35 -26.97 -5.75 10.58
C GLU A 35 -25.90 -5.47 11.66
N PRO A 36 -25.49 -4.21 11.82
CA PRO A 36 -24.49 -3.80 12.81
C PRO A 36 -25.14 -3.83 14.16
N VAL A 37 -24.44 -4.33 15.16
CA VAL A 37 -25.00 -4.41 16.49
C VAL A 37 -23.95 -4.10 17.54
N ARG A 38 -24.38 -3.62 18.69
CA ARG A 38 -23.46 -3.31 19.79
C ARG A 38 -23.79 -4.15 21.02
N LEU A 39 -22.80 -4.39 21.87
CA LEU A 39 -23.01 -5.20 23.07
C LEU A 39 -23.03 -4.40 24.36
N GLY A 40 -22.94 -3.08 24.23
CA GLY A 40 -22.94 -2.22 25.41
C GLY A 40 -23.29 -0.78 25.10
N GLN A 41 -23.00 0.11 26.04
CA GLN A 41 -23.31 1.54 25.90
C GLN A 41 -22.29 2.26 25.03
N VAL A 42 -22.78 3.23 24.27
CA VAL A 42 -21.92 3.99 23.39
C VAL A 42 -21.34 5.15 24.17
N ASN A 43 -20.02 5.19 24.34
CA ASN A 43 -19.39 6.28 25.10
C ASN A 43 -19.40 7.61 24.35
N GLY A 44 -19.01 8.67 25.04
CA GLY A 44 -19.00 9.99 24.45
C GLY A 44 -18.18 10.19 23.20
N GLU A 45 -17.01 9.56 23.14
CA GLU A 45 -16.16 9.69 21.98
C GLU A 45 -16.92 9.16 20.76
N THR A 46 -17.44 7.94 20.89
CA THR A 46 -18.18 7.31 19.81
C THR A 46 -19.38 8.15 19.43
N GLN A 47 -20.10 8.65 20.43
CA GLN A 47 -21.27 9.48 20.20
C GLN A 47 -20.96 10.61 19.25
N TYR A 48 -19.99 11.44 19.63
CA TYR A 48 -19.62 12.58 18.80
C TYR A 48 -19.49 12.20 17.33
N ALA A 49 -18.85 11.06 17.06
CA ALA A 49 -18.65 10.60 15.69
C ALA A 49 -19.97 10.16 15.07
N LEU A 50 -20.80 9.46 15.84
CA LEU A 50 -22.09 9.01 15.33
C LEU A 50 -22.97 10.21 14.96
N ASP A 51 -22.99 11.20 15.84
CA ASP A 51 -23.76 12.40 15.63
C ASP A 51 -23.20 13.24 14.51
N TYR A 52 -21.91 13.51 14.54
CA TYR A 52 -21.30 14.33 13.51
C TYR A 52 -21.64 13.84 12.11
N PHE A 53 -21.61 12.54 11.89
CA PHE A 53 -21.90 12.02 10.58
C PHE A 53 -23.32 11.49 10.41
N LYS A 54 -24.23 11.98 11.25
CA LYS A 54 -25.64 11.60 11.20
C LYS A 54 -25.86 10.11 11.02
N GLN A 55 -25.37 9.33 11.97
CA GLN A 55 -25.51 7.88 11.92
C GLN A 55 -26.21 7.37 13.15
N GLU A 56 -27.16 6.47 12.92
CA GLU A 56 -27.92 5.86 13.99
C GLU A 56 -27.04 4.96 14.85
N SER A 57 -27.26 4.97 16.15
CA SER A 57 -26.49 4.13 17.06
C SER A 57 -26.89 2.66 16.86
N PRO A 58 -25.92 1.79 16.49
CA PRO A 58 -26.27 0.38 16.28
C PRO A 58 -27.08 -0.21 17.44
N ARG A 59 -28.05 -1.05 17.08
CA ARG A 59 -28.97 -1.71 18.02
C ARG A 59 -28.30 -2.51 19.15
N LEU A 60 -28.77 -2.30 20.38
CA LEU A 60 -28.21 -3.05 21.51
C LEU A 60 -28.73 -4.48 21.52
N VAL A 61 -27.83 -5.41 21.80
CA VAL A 61 -28.15 -6.83 21.82
C VAL A 61 -27.50 -7.52 23.02
N GLU A 62 -28.16 -8.56 23.55
CA GLU A 62 -27.63 -9.29 24.70
C GLU A 62 -27.18 -10.69 24.32
N THR A 63 -27.84 -11.23 23.30
CA THR A 63 -27.57 -12.59 22.82
C THR A 63 -27.80 -12.61 21.32
N ALA A 64 -27.24 -13.61 20.64
CA ALA A 64 -27.42 -13.69 19.19
C ALA A 64 -28.09 -14.97 18.73
N ALA A 65 -27.82 -16.05 19.44
CA ALA A 65 -28.37 -17.36 19.09
C ALA A 65 -29.85 -17.33 18.78
N ASN A 66 -30.58 -16.48 19.48
CA ASN A 66 -32.02 -16.39 19.27
C ASN A 66 -32.41 -15.73 17.96
N GLU A 67 -31.51 -14.93 17.43
CA GLU A 67 -31.77 -14.20 16.19
C GLU A 67 -31.17 -14.80 14.93
N VAL A 68 -29.92 -15.21 15.02
CA VAL A 68 -29.23 -15.74 13.87
C VAL A 68 -28.48 -17.01 14.17
N ASN A 69 -27.90 -17.61 13.14
CA ASN A 69 -27.15 -18.83 13.30
C ASN A 69 -25.69 -18.51 13.12
N GLY A 70 -25.43 -17.41 12.42
CA GLY A 70 -24.06 -17.01 12.18
C GLY A 70 -23.81 -15.55 12.51
N VAL A 71 -22.63 -15.26 13.06
CA VAL A 71 -22.25 -13.89 13.40
C VAL A 71 -20.86 -13.54 12.81
N ILE A 72 -20.57 -12.25 12.71
CA ILE A 72 -19.28 -11.79 12.21
C ILE A 72 -18.68 -10.93 13.30
N LEU A 73 -17.45 -11.21 13.68
CA LEU A 73 -16.77 -10.45 14.72
C LEU A 73 -15.78 -9.42 14.19
N VAL A 74 -15.84 -8.20 14.73
CA VAL A 74 -14.89 -7.17 14.34
C VAL A 74 -14.21 -6.63 15.57
N ASP A 75 -12.93 -6.31 15.45
CA ASP A 75 -12.15 -5.74 16.55
C ASP A 75 -11.93 -6.65 17.76
N HIS A 76 -12.04 -7.96 17.59
CA HIS A 76 -11.83 -8.85 18.71
C HIS A 76 -12.05 -10.28 18.35
N ASN A 77 -11.58 -11.19 19.21
CA ASN A 77 -11.79 -12.60 19.00
C ASN A 77 -11.86 -13.46 20.27
N GLU A 78 -11.23 -13.02 21.35
CA GLU A 78 -11.25 -13.77 22.61
C GLU A 78 -12.68 -13.83 23.19
N ARG A 79 -13.13 -15.03 23.56
CA ARG A 79 -14.48 -15.25 24.10
C ARG A 79 -15.00 -14.22 25.10
N GLN A 80 -14.25 -14.04 26.17
CA GLN A 80 -14.67 -13.10 27.20
C GLN A 80 -15.03 -11.73 26.66
N GLN A 81 -14.37 -11.30 25.60
CA GLN A 81 -14.65 -9.99 25.03
C GLN A 81 -15.88 -10.00 24.12
N SER A 82 -16.28 -11.18 23.69
CA SER A 82 -17.40 -11.31 22.78
C SER A 82 -18.73 -11.37 23.48
N ILE A 83 -19.78 -11.65 22.71
CA ILE A 83 -21.14 -11.73 23.19
C ILE A 83 -21.30 -12.86 24.22
N LYS A 84 -22.33 -12.74 25.04
CA LYS A 84 -22.62 -13.73 26.07
C LYS A 84 -22.77 -15.16 25.56
N ASP A 85 -23.70 -15.40 24.64
CA ASP A 85 -23.93 -16.74 24.12
C ASP A 85 -23.15 -17.04 22.86
N ILE A 86 -21.91 -16.55 22.80
CA ILE A 86 -21.06 -16.74 21.61
C ILE A 86 -20.82 -18.19 21.28
N GLU A 87 -20.78 -19.03 22.31
CA GLU A 87 -20.56 -20.45 22.13
C GLU A 87 -21.68 -21.08 21.30
N GLU A 88 -22.86 -20.45 21.34
CA GLU A 88 -24.02 -20.98 20.66
C GLU A 88 -24.27 -20.55 19.24
N VAL A 89 -23.33 -19.83 18.65
CA VAL A 89 -23.48 -19.40 17.27
C VAL A 89 -22.19 -19.69 16.51
N GLN A 90 -22.28 -19.60 15.19
CA GLN A 90 -21.11 -19.85 14.36
C GLN A 90 -20.41 -18.57 13.94
N VAL A 91 -19.11 -18.48 14.22
CA VAL A 91 -18.37 -17.31 13.83
C VAL A 91 -18.01 -17.47 12.33
N LEU A 92 -18.75 -16.77 11.46
CA LEU A 92 -18.52 -16.82 10.03
C LEU A 92 -17.19 -16.22 9.63
N GLU A 93 -16.84 -15.12 10.27
CA GLU A 93 -15.60 -14.44 10.01
C GLU A 93 -15.24 -13.46 11.11
N VAL A 94 -13.96 -13.10 11.12
CA VAL A 94 -13.40 -12.19 12.10
C VAL A 94 -12.49 -11.19 11.43
N ILE A 95 -12.76 -9.89 11.60
CA ILE A 95 -11.89 -8.87 11.03
C ILE A 95 -11.32 -8.25 12.29
N ASP A 96 -10.02 -8.42 12.53
CA ASP A 96 -9.44 -7.94 13.77
C ASP A 96 -7.97 -7.51 13.68
N HIS A 97 -7.44 -6.98 14.78
CA HIS A 97 -6.06 -6.51 14.80
C HIS A 97 -5.33 -6.74 16.11
N HIS A 98 -5.78 -7.72 16.89
CA HIS A 98 -5.12 -8.02 18.16
C HIS A 98 -4.55 -9.44 18.14
N ARG A 99 -4.03 -9.89 19.27
CA ARG A 99 -3.47 -11.24 19.37
C ARG A 99 -4.62 -12.20 19.27
N ILE A 100 -4.32 -13.45 18.98
CA ILE A 100 -5.35 -14.48 18.88
C ILE A 100 -5.25 -15.39 20.10
N ALA A 101 -6.34 -15.52 20.83
CA ALA A 101 -6.37 -16.34 22.03
C ALA A 101 -7.79 -16.53 22.51
N ASN A 102 -8.01 -17.59 23.29
CA ASN A 102 -9.34 -17.90 23.80
C ASN A 102 -10.32 -17.83 22.66
N PHE A 103 -9.88 -18.33 21.51
CA PHE A 103 -10.69 -18.36 20.33
C PHE A 103 -10.43 -19.67 19.66
N GLU A 104 -11.48 -20.22 19.06
CA GLU A 104 -11.37 -21.51 18.43
C GLU A 104 -12.64 -21.75 17.61
N THR A 105 -12.51 -22.38 16.46
CA THR A 105 -13.66 -22.63 15.62
C THR A 105 -13.72 -24.08 15.25
N ALA A 106 -14.93 -24.60 15.07
CA ALA A 106 -15.09 -26.00 14.70
C ALA A 106 -14.95 -26.19 13.21
N GLU A 107 -15.26 -25.13 12.48
CA GLU A 107 -15.23 -25.15 11.04
C GLU A 107 -14.27 -24.07 10.51
N PRO A 108 -14.03 -24.08 9.20
CA PRO A 108 -13.13 -23.06 8.64
C PRO A 108 -13.91 -21.74 8.65
N LEU A 109 -13.26 -20.64 8.36
CA LEU A 109 -13.94 -19.36 8.36
C LEU A 109 -13.06 -18.30 7.72
N TYR A 110 -13.56 -17.09 7.57
CA TYR A 110 -12.78 -16.04 6.97
C TYR A 110 -12.20 -15.23 8.09
N TYR A 111 -10.99 -15.56 8.49
CA TYR A 111 -10.34 -14.84 9.59
C TYR A 111 -9.29 -13.93 8.97
N ARG A 112 -9.41 -12.62 9.21
CA ARG A 112 -8.45 -11.68 8.66
C ARG A 112 -7.97 -10.68 9.69
N ALA A 113 -6.76 -10.93 10.19
CA ALA A 113 -6.16 -10.06 11.19
C ALA A 113 -4.87 -9.47 10.63
N GLU A 114 -4.64 -8.19 10.90
CA GLU A 114 -3.46 -7.51 10.41
C GLU A 114 -2.84 -6.73 11.55
N PRO A 115 -1.49 -6.65 11.58
CA PRO A 115 -0.74 -5.94 12.63
C PRO A 115 -0.83 -4.42 12.53
N VAL A 116 -2.02 -3.90 12.29
CA VAL A 116 -2.21 -2.46 12.20
C VAL A 116 -2.85 -1.97 13.47
N GLY A 117 -3.04 -0.67 13.56
CA GLY A 117 -3.59 -0.12 14.79
C GLY A 117 -5.08 0.05 14.87
N CYS A 118 -5.79 -0.35 13.83
CA CYS A 118 -7.22 -0.18 13.85
C CYS A 118 -7.94 -1.10 12.89
N THR A 119 -9.08 -1.64 13.33
CA THR A 119 -9.84 -2.54 12.48
C THR A 119 -10.29 -1.86 11.19
N ALA A 120 -10.67 -0.59 11.26
CA ALA A 120 -11.10 0.13 10.07
C ALA A 120 -10.04 0.24 8.96
N THR A 121 -8.77 0.25 9.33
CA THR A 121 -7.70 0.32 8.34
C THR A 121 -7.78 -0.89 7.42
N ILE A 122 -8.16 -2.03 8.00
CA ILE A 122 -8.31 -3.28 7.27
C ILE A 122 -9.59 -3.23 6.41
N LEU A 123 -10.69 -2.75 6.97
CA LEU A 123 -11.91 -2.65 6.19
C LEU A 123 -11.65 -1.81 4.95
N ASN A 124 -11.02 -0.65 5.13
CA ASN A 124 -10.68 0.25 4.02
C ASN A 124 -9.97 -0.50 2.90
N LYS A 125 -9.11 -1.46 3.24
CA LYS A 125 -8.43 -2.24 2.21
C LYS A 125 -9.49 -3.06 1.54
N MSE A 126 -10.31 -3.68 2.37
CA MSE A 126 -11.37 -4.55 1.89
C MSE A 126 -12.40 -3.87 0.99
O MSE A 126 -12.97 -4.52 0.12
CB MSE A 126 -12.03 -5.21 3.10
CG MSE A 126 -11.09 -6.11 3.89
SE MSE A 126 -11.95 -7.03 5.34
CE MSE A 126 -12.82 -8.42 4.38
N TYR A 127 -12.63 -2.59 1.18
CA TYR A 127 -13.58 -1.89 0.32
C TYR A 127 -12.97 -1.80 -1.06
N LYS A 128 -11.71 -1.41 -1.13
CA LYS A 128 -11.03 -1.29 -2.41
C LYS A 128 -10.86 -2.66 -3.06
N GLU A 129 -10.54 -3.67 -2.28
CA GLU A 129 -10.34 -5.01 -2.81
C GLU A 129 -11.59 -5.51 -3.51
N ASN A 130 -12.77 -5.14 -2.98
CA ASN A 130 -14.05 -5.56 -3.54
C ASN A 130 -14.64 -4.48 -4.43
N ASN A 131 -13.85 -3.45 -4.69
CA ASN A 131 -14.28 -2.34 -5.52
C ASN A 131 -15.71 -1.91 -5.20
N VAL A 132 -15.87 -1.31 -4.03
CA VAL A 132 -17.16 -0.81 -3.56
C VAL A 132 -16.89 0.61 -3.10
N LYS A 133 -17.63 1.56 -3.62
CA LYS A 133 -17.43 2.96 -3.25
C LYS A 133 -17.82 3.16 -1.80
N ILE A 134 -17.03 3.95 -1.08
CA ILE A 134 -17.31 4.24 0.33
C ILE A 134 -18.15 5.51 0.47
N GLU A 135 -19.36 5.36 0.98
CA GLU A 135 -20.24 6.50 1.16
C GLU A 135 -19.61 7.49 2.11
N LYS A 136 -19.74 8.77 1.79
CA LYS A 136 -19.17 9.84 2.62
C LYS A 136 -19.48 9.58 4.09
N GLU A 137 -20.74 9.36 4.36
CA GLU A 137 -21.21 9.09 5.70
C GLU A 137 -20.37 8.10 6.48
N ILE A 138 -20.20 6.89 5.97
CA ILE A 138 -19.44 5.87 6.69
C ILE A 138 -17.94 6.08 6.71
N ALA A 139 -17.39 6.68 5.66
CA ALA A 139 -15.94 6.93 5.65
C ALA A 139 -15.60 7.71 6.91
N GLY A 140 -16.49 8.60 7.31
CA GLY A 140 -16.29 9.37 8.52
C GLY A 140 -16.20 8.48 9.74
N LEU A 141 -17.09 7.50 9.85
CA LEU A 141 -17.07 6.59 10.99
C LEU A 141 -15.79 5.78 11.01
N MSE A 142 -15.27 5.44 9.83
CA MSE A 142 -14.04 4.68 9.74
C MSE A 142 -12.89 5.56 10.17
O MSE A 142 -12.01 5.11 10.92
CB MSE A 142 -13.84 4.16 8.32
CG MSE A 142 -14.91 3.18 7.92
SE MSE A 142 -14.65 2.36 6.21
CE MSE A 142 -16.00 3.29 5.30
N LEU A 143 -12.92 6.81 9.73
CA LEU A 143 -11.89 7.80 10.07
C LEU A 143 -11.89 7.98 11.58
N SER A 144 -13.09 8.01 12.14
CA SER A 144 -13.25 8.15 13.56
C SER A 144 -12.55 7.00 14.27
N ALA A 145 -12.92 5.78 13.91
CA ALA A 145 -12.33 4.58 14.49
C ALA A 145 -10.80 4.65 14.47
N ILE A 146 -10.23 5.04 13.33
CA ILE A 146 -8.78 5.13 13.25
C ILE A 146 -8.25 6.20 14.19
N ILE A 147 -8.87 7.37 14.20
CA ILE A 147 -8.41 8.42 15.09
C ILE A 147 -8.47 7.93 16.53
N SER A 148 -9.58 7.31 16.88
CA SER A 148 -9.77 6.79 18.22
C SER A 148 -8.72 5.77 18.63
N ASP A 149 -8.51 4.74 17.81
CA ASP A 149 -7.54 3.71 18.15
C ASP A 149 -6.09 4.18 18.13
N SER A 150 -5.76 5.15 17.28
CA SER A 150 -4.38 5.59 17.23
C SER A 150 -4.10 6.86 18.04
N LEU A 151 -5.08 7.35 18.78
CA LEU A 151 -4.91 8.56 19.58
C LEU A 151 -4.32 9.65 18.69
N LEU A 152 -4.96 9.84 17.55
CA LEU A 152 -4.54 10.84 16.59
C LEU A 152 -3.14 10.56 16.08
N PHE A 153 -2.91 9.31 15.68
CA PHE A 153 -1.64 8.84 15.13
C PHE A 153 -0.46 8.87 16.09
N LYS A 154 -0.73 9.16 17.36
CA LYS A 154 0.33 9.22 18.36
C LYS A 154 0.55 7.91 19.09
N SER A 155 -0.40 6.99 18.96
CA SER A 155 -0.33 5.67 19.59
C SER A 155 0.88 4.83 19.16
N PRO A 156 1.45 4.05 20.08
CA PRO A 156 2.62 3.19 19.80
C PRO A 156 2.32 2.08 18.81
N THR A 157 1.04 1.79 18.65
CA THR A 157 0.56 0.73 17.75
C THR A 157 0.23 1.27 16.37
N CYS A 158 0.03 2.59 16.28
CA CYS A 158 -0.30 3.23 15.01
C CYS A 158 0.70 2.87 13.94
N THR A 159 0.22 2.72 12.72
CA THR A 159 1.05 2.34 11.59
C THR A 159 0.95 3.28 10.42
N ASP A 160 1.92 3.18 9.52
CA ASP A 160 1.97 4.00 8.34
C ASP A 160 0.69 3.79 7.52
N GLN A 161 0.17 2.57 7.57
CA GLN A 161 -1.05 2.18 6.85
C GLN A 161 -2.28 2.83 7.45
N ASP A 162 -2.31 2.92 8.77
CA ASP A 162 -3.42 3.53 9.50
C ASP A 162 -3.52 5.01 9.15
N VAL A 163 -2.38 5.66 9.10
CA VAL A 163 -2.32 7.08 8.81
C VAL A 163 -2.69 7.33 7.36
N ALA A 164 -2.18 6.52 6.45
CA ALA A 164 -2.49 6.69 5.03
C ALA A 164 -3.99 6.46 4.80
N ALA A 165 -4.56 5.55 5.58
CA ALA A 165 -5.96 5.20 5.47
C ALA A 165 -6.82 6.30 6.04
N ALA A 166 -6.40 6.86 7.17
CA ALA A 166 -7.14 7.95 7.79
C ALA A 166 -7.19 9.13 6.82
N LYS A 167 -6.05 9.44 6.20
CA LYS A 167 -5.97 10.55 5.25
C LYS A 167 -6.96 10.34 4.11
N GLU A 168 -6.87 9.19 3.49
CA GLU A 168 -7.72 8.82 2.39
C GLU A 168 -9.20 8.93 2.77
N LEU A 169 -9.57 8.38 3.94
CA LEU A 169 -10.95 8.41 4.42
C LEU A 169 -11.42 9.82 4.76
N ALA A 170 -10.52 10.58 5.37
CA ALA A 170 -10.82 11.95 5.77
C ALA A 170 -11.24 12.82 4.57
N GLU A 171 -10.61 12.61 3.43
CA GLU A 171 -10.97 13.39 2.26
C GLU A 171 -12.36 12.99 1.81
N ILE A 172 -12.60 11.70 1.67
CA ILE A 172 -13.90 11.21 1.25
C ILE A 172 -15.01 11.74 2.14
N ALA A 173 -14.80 11.68 3.45
CA ALA A 173 -15.80 12.15 4.40
C ALA A 173 -15.88 13.66 4.43
N GLY A 174 -14.94 14.31 3.73
CA GLY A 174 -14.90 15.76 3.67
C GLY A 174 -14.64 16.43 5.01
N VAL A 175 -13.53 16.09 5.64
CA VAL A 175 -13.17 16.66 6.93
C VAL A 175 -11.64 16.71 7.05
N ASP A 176 -11.14 17.34 8.11
CA ASP A 176 -9.71 17.43 8.33
C ASP A 176 -9.33 16.43 9.42
N ALA A 177 -8.61 15.39 9.02
CA ALA A 177 -8.20 14.34 9.94
C ALA A 177 -7.91 14.85 11.35
N GLU A 178 -6.83 15.62 11.51
CA GLU A 178 -6.47 16.11 12.85
C GLU A 178 -7.42 17.12 13.47
N GLU A 179 -8.11 17.90 12.64
CA GLU A 179 -9.04 18.88 13.17
C GLU A 179 -10.23 18.19 13.79
N TYR A 180 -10.92 17.37 13.02
CA TYR A 180 -12.07 16.59 13.50
C TYR A 180 -11.61 15.64 14.62
N GLY A 181 -10.49 14.97 14.38
CA GLY A 181 -9.95 14.05 15.34
C GLY A 181 -9.91 14.61 16.74
N LEU A 182 -9.27 15.76 16.90
CA LEU A 182 -9.17 16.38 18.21
C LEU A 182 -10.53 16.60 18.84
N ASN A 183 -11.44 17.20 18.10
CA ASN A 183 -12.77 17.43 18.64
C ASN A 183 -13.38 16.14 19.17
N MSE A 184 -13.26 15.06 18.38
CA MSE A 184 -13.80 13.77 18.78
C MSE A 184 -13.11 13.26 20.03
O MSE A 184 -13.76 12.90 21.00
CB MSE A 184 -13.65 12.75 17.65
CG MSE A 184 -14.14 11.34 18.02
SE MSE A 184 -13.55 9.94 16.84
CE MSE A 184 -11.88 9.55 17.60
N LEU A 185 -11.78 13.21 20.01
CA LEU A 185 -11.03 12.74 21.16
C LEU A 185 -11.42 13.51 22.41
N LYS A 186 -11.59 14.82 22.25
CA LYS A 186 -11.96 15.70 23.34
C LYS A 186 -13.27 15.30 23.96
N ALA A 187 -14.28 15.07 23.11
CA ALA A 187 -15.61 14.66 23.56
C ALA A 187 -15.55 13.39 24.40
N GLY A 188 -14.38 12.75 24.43
CA GLY A 188 -14.23 11.54 25.21
C GLY A 188 -14.47 11.78 26.68
N ALA A 189 -13.43 12.30 27.33
CA ALA A 189 -13.47 12.63 28.76
C ALA A 189 -14.01 14.04 28.82
N ASP A 190 -13.31 14.95 28.13
CA ASP A 190 -13.71 16.36 28.02
C ASP A 190 -13.32 17.18 29.24
N LEU A 191 -12.15 17.83 29.18
CA LEU A 191 -11.70 18.64 30.30
C LEU A 191 -12.18 20.08 30.14
N SER A 192 -12.47 20.48 28.91
CA SER A 192 -12.94 21.82 28.60
C SER A 192 -14.26 22.15 29.30
N LYS A 193 -14.95 21.10 29.78
CA LYS A 193 -16.21 21.27 30.49
C LYS A 193 -16.08 20.86 31.94
N LYS A 194 -14.92 21.14 32.53
CA LYS A 194 -14.69 20.79 33.93
C LYS A 194 -14.10 21.96 34.71
N THR A 195 -14.51 22.09 35.97
CA THR A 195 -14.04 23.15 36.83
C THR A 195 -12.55 22.99 37.08
N VAL A 196 -11.86 24.12 37.26
CA VAL A 196 -10.44 24.09 37.54
C VAL A 196 -10.26 23.38 38.88
N GLU A 197 -11.28 23.41 39.72
CA GLU A 197 -11.22 22.76 41.03
C GLU A 197 -11.55 21.28 40.86
N GLU A 198 -12.13 20.94 39.71
CA GLU A 198 -12.49 19.57 39.42
C GLU A 198 -11.25 18.81 38.93
N LEU A 199 -10.47 19.44 38.06
CA LEU A 199 -9.25 18.83 37.50
C LEU A 199 -8.25 18.47 38.59
N ILE A 200 -8.03 19.43 39.49
CA ILE A 200 -7.09 19.26 40.59
C ILE A 200 -7.55 18.21 41.61
N SER A 201 -8.71 17.62 41.38
CA SER A 201 -9.22 16.63 42.32
C SER A 201 -9.47 15.26 41.73
N LEU A 202 -9.56 15.17 40.41
CA LEU A 202 -9.79 13.89 39.75
C LEU A 202 -8.87 12.86 40.37
N ASP A 203 -7.57 13.16 40.28
CA ASP A 203 -6.57 12.27 40.83
C ASP A 203 -5.54 13.02 41.68
N ALA A 204 -5.94 13.35 42.91
CA ALA A 204 -5.07 14.05 43.84
C ALA A 204 -4.74 13.18 45.05
N LYS A 205 -3.45 13.04 45.32
CA LYS A 205 -2.98 12.24 46.46
C LYS A 205 -1.98 13.07 47.27
N GLU A 206 -2.10 13.01 48.59
CA GLU A 206 -1.19 13.76 49.45
C GLU A 206 -0.09 12.87 49.99
N PHE A 207 1.09 13.48 50.19
CA PHE A 207 2.26 12.78 50.72
C PHE A 207 2.92 13.66 51.78
N THR A 208 3.88 13.09 52.51
CA THR A 208 4.61 13.81 53.55
C THR A 208 6.09 13.42 53.48
N LEU A 209 6.70 13.65 52.32
CA LEU A 209 8.09 13.32 52.08
C LEU A 209 9.15 14.21 52.72
N GLY A 210 9.88 13.61 53.66
CA GLY A 210 10.94 14.31 54.36
C GLY A 210 10.46 15.31 55.40
N SER A 211 9.29 15.00 56.02
CA SER A 211 8.64 15.88 57.04
C SER A 211 7.86 17.05 56.42
N LYS A 212 7.96 17.20 55.09
CA LYS A 212 7.28 18.27 54.35
C LYS A 212 5.91 17.80 53.86
N LYS A 213 4.89 18.66 53.97
CA LYS A 213 3.54 18.31 53.53
C LYS A 213 3.41 18.63 52.03
N VAL A 214 3.10 17.63 51.22
CA VAL A 214 2.97 17.83 49.77
C VAL A 214 1.74 17.16 49.14
N GLU A 215 1.29 17.68 48.00
CA GLU A 215 0.15 17.13 47.27
C GLU A 215 0.45 17.16 45.77
N ILE A 216 0.26 16.02 45.11
CA ILE A 216 0.51 15.95 43.68
C ILE A 216 -0.74 15.50 42.95
N ALA A 217 -1.24 16.35 42.07
CA ALA A 217 -2.44 16.02 41.33
C ALA A 217 -2.07 15.79 39.88
N GLN A 218 -2.77 14.86 39.23
CA GLN A 218 -2.51 14.59 37.83
C GLN A 218 -3.75 14.73 36.96
N VAL A 219 -3.54 15.19 35.74
CA VAL A 219 -4.63 15.41 34.79
C VAL A 219 -4.16 14.95 33.41
N ASN A 220 -4.92 14.07 32.77
CA ASN A 220 -4.55 13.56 31.46
C ASN A 220 -5.36 14.20 30.34
N THR A 221 -4.65 14.81 29.38
CA THR A 221 -5.32 15.43 28.25
C THR A 221 -4.62 15.09 26.96
N VAL A 222 -5.26 15.42 25.84
CA VAL A 222 -4.68 15.14 24.53
C VAL A 222 -4.03 16.39 23.93
N ASP A 223 -3.99 17.44 24.74
CA ASP A 223 -3.39 18.71 24.35
C ASP A 223 -3.19 19.49 25.64
N ILE A 224 -1.96 19.55 26.14
CA ILE A 224 -1.69 20.28 27.37
C ILE A 224 -2.22 21.71 27.22
N GLU A 225 -2.21 22.21 25.99
CA GLU A 225 -2.66 23.55 25.67
C GLU A 225 -4.05 23.84 26.24
N ASP A 226 -4.93 22.85 26.17
CA ASP A 226 -6.31 22.99 26.68
C ASP A 226 -6.32 23.37 28.15
N VAL A 227 -5.35 22.84 28.90
CA VAL A 227 -5.25 23.09 30.33
C VAL A 227 -4.31 24.23 30.70
N LYS A 228 -3.30 24.48 29.85
CA LYS A 228 -2.33 25.54 30.13
C LYS A 228 -2.94 26.91 29.90
N LYS A 229 -3.85 26.99 28.92
CA LYS A 229 -4.53 28.23 28.58
C LYS A 229 -5.29 28.79 29.79
N ARG A 230 -5.53 27.93 30.78
CA ARG A 230 -6.26 28.31 31.99
C ARG A 230 -5.34 28.25 33.20
N GLN A 231 -4.09 28.67 33.02
CA GLN A 231 -3.12 28.65 34.10
C GLN A 231 -3.43 29.66 35.20
N ALA A 232 -3.96 30.82 34.80
CA ALA A 232 -4.30 31.88 35.74
C ALA A 232 -5.27 31.35 36.78
N GLU A 233 -6.34 30.73 36.30
CA GLU A 233 -7.37 30.17 37.16
C GLU A 233 -6.84 28.99 37.97
N LEU A 234 -5.95 28.22 37.37
CA LEU A 234 -5.35 27.05 38.03
C LEU A 234 -4.52 27.46 39.22
N GLU A 235 -3.61 28.41 39.02
CA GLU A 235 -2.74 28.90 40.08
C GLU A 235 -3.57 29.47 41.22
N ALA A 236 -4.70 30.07 40.87
CA ALA A 236 -5.60 30.68 41.86
C ALA A 236 -6.15 29.65 42.83
N VAL A 237 -6.72 28.58 42.27
CA VAL A 237 -7.30 27.50 43.05
C VAL A 237 -6.23 26.68 43.77
N ILE A 238 -5.09 26.50 43.13
CA ILE A 238 -4.01 25.75 43.74
C ILE A 238 -3.52 26.51 44.96
N SER A 239 -3.27 27.81 44.80
CA SER A 239 -2.78 28.64 45.90
C SER A 239 -3.72 28.62 47.09
N LYS A 240 -5.01 28.49 46.81
CA LYS A 240 -6.02 28.42 47.86
C LYS A 240 -5.83 27.14 48.67
N VAL A 241 -5.71 26.01 47.96
CA VAL A 241 -5.52 24.69 48.56
C VAL A 241 -4.25 24.67 49.38
N VAL A 242 -3.20 25.27 48.82
CA VAL A 242 -1.91 25.34 49.48
C VAL A 242 -2.06 26.06 50.81
N ALA A 243 -2.99 27.02 50.87
CA ALA A 243 -3.23 27.80 52.08
C ALA A 243 -4.06 27.02 53.12
N GLU A 244 -5.15 26.42 52.65
CA GLU A 244 -6.04 25.66 53.52
C GLU A 244 -5.37 24.43 54.14
N LYS A 245 -4.50 23.78 53.38
CA LYS A 245 -3.82 22.57 53.86
C LYS A 245 -2.39 22.79 54.34
N ASN A 246 -1.93 24.04 54.35
CA ASN A 246 -0.58 24.37 54.77
C ASN A 246 0.42 23.47 54.06
N LEU A 247 0.29 23.41 52.74
CA LEU A 247 1.17 22.60 51.91
C LEU A 247 2.47 23.34 51.60
N ASP A 248 3.57 22.60 51.63
CA ASP A 248 4.88 23.16 51.31
C ASP A 248 5.05 23.11 49.81
N LEU A 249 4.26 22.27 49.15
CA LEU A 249 4.32 22.13 47.71
C LEU A 249 3.11 21.43 47.11
N PHE A 250 2.56 22.01 46.05
CA PHE A 250 1.46 21.40 45.35
C PHE A 250 1.93 21.32 43.91
N LEU A 251 2.15 20.10 43.43
CA LEU A 251 2.61 19.91 42.08
C LEU A 251 1.50 19.38 41.17
N LEU A 252 1.06 20.21 40.24
CA LEU A 252 0.04 19.74 39.31
C LEU A 252 0.84 19.15 38.15
N VAL A 253 0.51 17.91 37.76
CA VAL A 253 1.19 17.25 36.65
C VAL A 253 0.22 17.06 35.48
N ILE A 254 0.32 17.96 34.51
CA ILE A 254 -0.56 17.92 33.34
C ILE A 254 0.05 17.06 32.24
N THR A 255 -0.35 15.79 32.19
CA THR A 255 0.18 14.85 31.20
C THR A 255 -0.49 14.81 29.84
N ASP A 256 0.35 14.89 28.80
CA ASP A 256 -0.13 14.84 27.43
C ASP A 256 -0.03 13.35 27.06
N ILE A 257 -1.16 12.66 27.02
CA ILE A 257 -1.13 11.23 26.69
C ILE A 257 -0.70 10.90 25.28
N LEU A 258 -0.65 11.90 24.43
CA LEU A 258 -0.22 11.68 23.05
C LEU A 258 1.30 11.65 22.93
N GLU A 259 1.94 12.68 23.47
CA GLU A 259 3.39 12.80 23.41
C GLU A 259 4.15 12.20 24.58
N ASN A 260 3.43 11.68 25.57
CA ASN A 260 4.02 11.08 26.76
C ASN A 260 5.00 11.97 27.54
N ASP A 261 4.73 13.27 27.47
CA ASP A 261 5.50 14.28 28.18
C ASP A 261 4.42 14.92 29.05
N SER A 262 4.79 15.42 30.22
CA SER A 262 3.80 16.07 31.07
C SER A 262 4.32 17.39 31.64
N LEU A 263 3.52 18.44 31.50
CA LEU A 263 3.88 19.75 31.99
C LEU A 263 3.58 19.82 33.48
N ALA A 264 4.50 20.44 34.23
CA ALA A 264 4.33 20.58 35.68
C ALA A 264 4.09 22.03 36.10
N LEU A 265 3.13 22.19 37.00
CA LEU A 265 2.78 23.49 37.52
C LEU A 265 3.01 23.35 39.02
N ALA A 266 4.14 23.89 39.49
CA ALA A 266 4.48 23.83 40.91
C ALA A 266 4.27 25.16 41.64
N ILE A 267 3.55 25.08 42.75
CA ILE A 267 3.22 26.22 43.58
C ILE A 267 3.54 25.85 45.04
N GLY A 268 4.50 26.55 45.64
CA GLY A 268 4.85 26.28 47.02
C GLY A 268 6.24 26.76 47.40
N ASN A 269 6.68 26.42 48.60
CA ASN A 269 8.00 26.80 49.10
C ASN A 269 9.04 25.88 48.49
N GLU A 270 8.74 24.59 48.47
CA GLU A 270 9.62 23.57 47.93
C GLU A 270 9.45 23.45 46.42
N ALA A 271 8.93 24.50 45.79
CA ALA A 271 8.71 24.50 44.35
C ALA A 271 10.02 24.35 43.59
N ALA A 272 11.14 24.48 44.31
CA ALA A 272 12.47 24.35 43.71
C ALA A 272 12.89 22.88 43.72
N LYS A 273 12.22 22.08 44.54
CA LYS A 273 12.50 20.64 44.63
C LYS A 273 12.08 19.92 43.37
N VAL A 274 11.17 20.54 42.62
CA VAL A 274 10.69 19.98 41.36
C VAL A 274 11.80 20.24 40.34
N GLU A 275 12.48 21.37 40.52
CA GLU A 275 13.58 21.74 39.65
C GLU A 275 14.77 20.83 39.86
N LYS A 276 14.95 20.35 41.08
CA LYS A 276 16.07 19.48 41.41
C LYS A 276 15.81 18.04 40.94
N ALA A 277 14.73 17.45 41.42
CA ALA A 277 14.35 16.07 41.11
C ALA A 277 14.12 15.78 39.62
N PHE A 278 13.80 16.80 38.84
CA PHE A 278 13.55 16.57 37.43
C PHE A 278 14.58 17.25 36.56
N ASN A 279 15.49 17.99 37.20
CA ASN A 279 16.54 18.69 36.47
C ASN A 279 15.92 19.62 35.44
N VAL A 280 15.21 20.64 35.93
CA VAL A 280 14.56 21.62 35.07
C VAL A 280 14.60 23.03 35.66
N THR A 281 14.11 23.98 34.87
CA THR A 281 14.05 25.39 35.28
C THR A 281 12.63 25.90 35.14
N LEU A 282 11.97 26.10 36.28
CA LEU A 282 10.60 26.60 36.27
C LEU A 282 10.55 28.06 35.82
N GLU A 283 9.77 28.32 34.78
CA GLU A 283 9.62 29.67 34.24
C GLU A 283 8.12 29.98 34.18
N ASN A 284 7.63 30.64 35.22
CA ASN A 284 6.21 30.99 35.34
C ASN A 284 5.54 29.84 36.10
N ASN A 285 6.37 29.09 36.83
CA ASN A 285 5.94 27.92 37.63
C ASN A 285 5.64 26.73 36.74
N THR A 286 5.97 26.86 35.47
CA THR A 286 5.73 25.82 34.47
C THR A 286 7.01 25.34 33.79
N ALA A 287 7.28 24.05 33.94
CA ALA A 287 8.44 23.41 33.33
C ALA A 287 7.99 22.08 32.75
N LEU A 288 8.48 21.76 31.55
CA LEU A 288 8.12 20.51 30.90
C LEU A 288 8.91 19.30 31.40
N LEU A 289 8.19 18.35 32.02
CA LEU A 289 8.84 17.14 32.52
C LEU A 289 8.75 16.08 31.43
N LYS A 290 9.79 16.00 30.60
CA LYS A 290 9.79 15.05 29.49
C LYS A 290 9.75 13.58 29.91
N GLY A 291 9.00 12.79 29.15
CA GLY A 291 8.89 11.36 29.43
C GLY A 291 8.11 10.93 30.66
N VAL A 292 7.76 11.89 31.52
CA VAL A 292 7.00 11.56 32.74
C VAL A 292 5.52 11.37 32.41
N VAL A 293 4.99 10.20 32.75
CA VAL A 293 3.60 9.85 32.50
C VAL A 293 2.93 9.24 33.73
N SER A 294 3.74 8.67 34.61
CA SER A 294 3.23 8.08 35.84
C SER A 294 3.85 8.81 37.03
N ARG A 295 3.05 9.14 38.03
CA ARG A 295 3.58 9.85 39.21
C ARG A 295 4.00 8.89 40.31
N LYS A 296 3.43 7.70 40.29
CA LYS A 296 3.72 6.67 41.28
C LYS A 296 5.10 6.06 41.02
N LYS A 297 5.46 5.97 39.75
CA LYS A 297 6.74 5.39 39.32
C LYS A 297 7.78 6.44 38.95
N GLN A 298 7.33 7.59 38.44
CA GLN A 298 8.28 8.61 37.99
C GLN A 298 8.35 9.95 38.73
N VAL A 299 7.30 10.28 39.48
CA VAL A 299 7.31 11.55 40.18
C VAL A 299 7.66 11.37 41.65
N VAL A 300 6.86 10.56 42.35
CA VAL A 300 7.06 10.33 43.79
C VAL A 300 8.44 9.83 44.24
N PRO A 301 9.02 8.85 43.51
CA PRO A 301 10.34 8.34 43.90
C PRO A 301 11.50 9.33 43.69
N VAL A 302 11.38 10.16 42.66
CA VAL A 302 12.41 11.13 42.35
C VAL A 302 12.31 12.40 43.22
N LEU A 303 11.13 12.66 43.77
CA LEU A 303 10.92 13.85 44.62
C LEU A 303 11.17 13.53 46.10
N THR A 304 11.04 12.25 46.45
CA THR A 304 11.27 11.78 47.83
C THR A 304 12.78 11.81 48.11
N ASP A 305 13.55 11.50 47.07
CA ASP A 305 15.01 11.46 47.14
C ASP A 305 15.59 12.85 46.82
N ALA A 306 14.72 13.85 46.75
CA ALA A 306 15.14 15.23 46.47
C ALA A 306 14.86 16.08 47.71
N MSE A 307 13.90 15.62 48.51
CA MSE A 307 13.48 16.35 49.75
C MSE A 307 13.19 15.44 51.00
O MSE A 307 12.04 15.66 51.55
CB MSE A 307 12.23 17.19 49.46
CG MSE A 307 11.05 16.40 48.84
SE MSE A 307 9.68 17.90 48.01
CE MSE A 307 9.32 19.03 49.80
N MSE B 1 17.26 -7.58 6.48
CA MSE B 1 16.02 -8.28 6.92
C MSE B 1 16.31 -9.49 7.81
O MSE B 1 17.07 -10.38 7.42
CB MSE B 1 15.25 -8.77 5.70
CG MSE B 1 14.74 -7.66 4.79
SE MSE B 1 13.31 -6.49 5.58
CE MSE B 1 12.74 -7.63 7.21
N GLU B 2 15.72 -9.51 9.00
CA GLU B 2 15.90 -10.63 9.94
C GLU B 2 15.46 -11.86 9.13
N LYS B 3 16.06 -13.02 9.37
CA LYS B 3 15.64 -14.18 8.58
C LYS B 3 14.40 -14.88 9.15
N ILE B 4 13.52 -15.30 8.23
CA ILE B 4 12.27 -15.95 8.56
C ILE B 4 12.21 -17.34 7.94
N LEU B 5 11.50 -18.23 8.62
CA LEU B 5 11.32 -19.60 8.15
C LEU B 5 9.83 -19.82 7.85
N ILE B 6 9.52 -20.22 6.62
CA ILE B 6 8.14 -20.48 6.21
C ILE B 6 7.92 -21.98 6.00
N PHE B 7 6.90 -22.54 6.62
CA PHE B 7 6.65 -23.98 6.48
C PHE B 7 5.22 -24.39 6.81
N GLY B 8 4.82 -25.55 6.29
CA GLY B 8 3.48 -26.06 6.54
C GLY B 8 3.49 -27.07 7.68
N HIS B 9 2.48 -27.91 7.76
CA HIS B 9 2.37 -28.92 8.83
C HIS B 9 3.24 -30.15 8.63
N GLN B 10 3.18 -31.04 9.63
CA GLN B 10 3.93 -32.30 9.60
C GLN B 10 3.22 -33.26 8.65
N ASN B 11 3.89 -34.34 8.24
CA ASN B 11 3.27 -35.28 7.31
C ASN B 11 2.79 -34.40 6.16
N PRO B 12 3.72 -33.65 5.57
CA PRO B 12 3.51 -32.71 4.45
C PRO B 12 2.73 -33.13 3.23
N ASP B 13 1.68 -32.36 2.94
CA ASP B 13 0.87 -32.59 1.75
C ASP B 13 1.42 -31.64 0.68
N THR B 14 0.95 -31.76 -0.56
CA THR B 14 1.45 -30.91 -1.63
C THR B 14 1.20 -29.44 -1.35
N ASP B 15 0.16 -29.15 -0.57
CA ASP B 15 -0.16 -27.77 -0.23
C ASP B 15 0.93 -27.23 0.71
N THR B 16 1.18 -27.97 1.78
CA THR B 16 2.19 -27.59 2.77
C THR B 16 3.55 -27.36 2.15
N ILE B 17 3.88 -28.12 1.11
CA ILE B 17 5.18 -27.94 0.47
C ILE B 17 5.15 -26.79 -0.54
N CYS B 18 4.25 -26.87 -1.50
CA CYS B 18 4.18 -25.82 -2.50
C CYS B 18 3.87 -24.43 -1.97
N SER B 19 2.85 -24.31 -1.11
CA SER B 19 2.50 -23.01 -0.57
C SER B 19 3.67 -22.36 0.19
N ALA B 20 4.43 -23.17 0.90
CA ALA B 20 5.58 -22.65 1.64
C ALA B 20 6.57 -22.04 0.64
N ILE B 21 6.87 -22.78 -0.42
CA ILE B 21 7.79 -22.29 -1.44
C ILE B 21 7.21 -21.04 -2.10
N ALA B 22 5.92 -21.10 -2.45
CA ALA B 22 5.21 -20.01 -3.11
C ALA B 22 5.23 -18.71 -2.31
N TYR B 23 4.81 -18.79 -1.06
CA TYR B 23 4.76 -17.60 -0.23
C TYR B 23 6.15 -17.05 0.06
N ALA B 24 7.13 -17.95 0.23
CA ALA B 24 8.50 -17.53 0.49
C ALA B 24 8.93 -16.63 -0.66
N ASP B 25 8.57 -17.04 -1.88
CA ASP B 25 8.92 -16.26 -3.06
C ASP B 25 8.26 -14.89 -2.96
N LEU B 26 6.94 -14.87 -2.77
CA LEU B 26 6.20 -13.62 -2.67
C LEU B 26 6.85 -12.70 -1.64
N LYS B 27 7.15 -13.27 -0.47
CA LYS B 27 7.76 -12.54 0.62
C LYS B 27 9.08 -11.93 0.18
N ASN B 28 9.95 -12.76 -0.40
CA ASN B 28 11.24 -12.26 -0.85
C ASN B 28 11.08 -11.16 -1.90
N LYS B 29 10.18 -11.35 -2.85
CA LYS B 29 9.96 -10.33 -3.89
C LYS B 29 9.49 -9.00 -3.27
N LEU B 30 9.01 -9.06 -2.04
CA LEU B 30 8.56 -7.84 -1.37
C LEU B 30 9.65 -7.28 -0.42
N GLY B 31 10.88 -7.79 -0.56
CA GLY B 31 12.00 -7.32 0.24
C GLY B 31 12.30 -7.99 1.56
N PHE B 32 11.86 -9.22 1.76
CA PHE B 32 12.16 -9.88 3.02
C PHE B 32 13.16 -10.99 2.81
N ASN B 33 13.53 -11.62 3.91
CA ASN B 33 14.50 -12.70 3.87
C ASN B 33 13.81 -13.99 4.35
N ALA B 34 13.12 -14.67 3.43
CA ALA B 34 12.41 -15.88 3.81
C ALA B 34 12.89 -17.13 3.07
N GLU B 35 12.81 -18.27 3.76
CA GLU B 35 13.23 -19.54 3.20
C GLU B 35 12.17 -20.63 3.43
N PRO B 36 11.77 -21.33 2.36
CA PRO B 36 10.77 -22.39 2.45
C PRO B 36 11.39 -23.58 3.17
N VAL B 37 10.63 -24.18 4.06
CA VAL B 37 11.12 -25.33 4.81
C VAL B 37 10.03 -26.39 5.02
N ARG B 38 10.44 -27.66 5.08
CA ARG B 38 9.47 -28.74 5.31
C ARG B 38 9.78 -29.39 6.64
N LEU B 39 8.79 -30.07 7.22
CA LEU B 39 9.00 -30.73 8.52
C LEU B 39 8.96 -32.25 8.43
N GLY B 40 8.93 -32.77 7.20
CA GLY B 40 8.87 -34.21 6.98
C GLY B 40 9.22 -34.62 5.57
N GLN B 41 8.94 -35.88 5.23
CA GLN B 41 9.25 -36.44 3.92
C GLN B 41 8.29 -35.98 2.84
N VAL B 42 8.83 -35.72 1.65
CA VAL B 42 8.00 -35.29 0.55
C VAL B 42 7.41 -36.54 -0.12
N ASN B 43 6.08 -36.65 -0.16
CA ASN B 43 5.47 -37.83 -0.79
C ASN B 43 5.47 -37.77 -2.33
N GLY B 44 5.19 -38.92 -2.95
CA GLY B 44 5.20 -39.01 -4.39
C GLY B 44 4.42 -37.96 -5.15
N GLU B 45 3.24 -37.63 -4.63
CA GLU B 45 2.38 -36.64 -5.27
C GLU B 45 3.14 -35.32 -5.35
N THR B 46 3.63 -34.88 -4.20
CA THR B 46 4.38 -33.65 -4.10
C THR B 46 5.55 -33.71 -5.08
N GLN B 47 6.30 -34.80 -4.98
CA GLN B 47 7.47 -35.02 -5.84
C GLN B 47 7.18 -34.71 -7.32
N TYR B 48 6.24 -35.46 -7.90
CA TYR B 48 5.90 -35.28 -9.29
C TYR B 48 5.80 -33.82 -9.67
N ALA B 49 5.18 -33.01 -8.79
CA ALA B 49 5.01 -31.58 -9.05
C ALA B 49 6.33 -30.79 -8.96
N LEU B 50 7.14 -31.14 -7.95
CA LEU B 50 8.42 -30.50 -7.74
C LEU B 50 9.33 -30.77 -8.94
N ASP B 51 9.35 -32.02 -9.38
CA ASP B 51 10.16 -32.42 -10.52
C ASP B 51 9.62 -31.80 -11.80
N TYR B 52 8.33 -31.94 -12.04
CA TYR B 52 7.71 -31.42 -13.24
C TYR B 52 8.06 -29.95 -13.45
N PHE B 53 8.06 -29.17 -12.36
CA PHE B 53 8.36 -27.76 -12.50
C PHE B 53 9.77 -27.37 -12.08
N LYS B 54 10.68 -28.33 -12.16
CA LYS B 54 12.09 -28.11 -11.83
C LYS B 54 12.27 -27.25 -10.57
N GLN B 55 11.79 -27.76 -9.43
CA GLN B 55 11.89 -27.03 -8.18
C GLN B 55 12.55 -27.88 -7.11
N GLU B 56 13.48 -27.26 -6.41
CA GLU B 56 14.23 -27.93 -5.36
C GLU B 56 13.36 -28.24 -4.16
N SER B 57 13.51 -29.45 -3.61
CA SER B 57 12.74 -29.84 -2.45
C SER B 57 13.13 -28.99 -1.24
N PRO B 58 12.18 -28.24 -0.66
CA PRO B 58 12.50 -27.39 0.50
C PRO B 58 13.27 -28.15 1.58
N ARG B 59 14.23 -27.44 2.17
CA ARG B 59 15.09 -27.99 3.21
C ARG B 59 14.36 -28.63 4.39
N LEU B 60 14.78 -29.82 4.80
CA LEU B 60 14.15 -30.46 5.96
C LEU B 60 14.64 -29.79 7.25
N VAL B 61 13.75 -29.67 8.23
CA VAL B 61 14.08 -29.02 9.49
C VAL B 61 13.40 -29.71 10.67
N GLU B 62 14.07 -29.72 11.81
CA GLU B 62 13.54 -30.37 13.00
C GLU B 62 13.12 -29.37 14.06
N THR B 63 13.77 -28.21 14.04
CA THR B 63 13.51 -27.13 14.99
C THR B 63 13.78 -25.77 14.33
N ALA B 64 13.19 -24.71 14.86
CA ALA B 64 13.39 -23.40 14.26
C ALA B 64 14.05 -22.42 15.19
N ALA B 65 13.78 -22.57 16.48
CA ALA B 65 14.32 -21.67 17.50
C ALA B 65 15.81 -21.38 17.29
N ASN B 66 16.56 -22.42 16.95
CA ASN B 66 17.99 -22.31 16.75
C ASN B 66 18.39 -21.52 15.50
N GLU B 67 17.46 -21.31 14.59
CA GLU B 67 17.81 -20.59 13.37
C GLU B 67 17.22 -19.20 13.25
N VAL B 68 16.00 -19.04 13.73
CA VAL B 68 15.32 -17.76 13.66
C VAL B 68 14.55 -17.42 14.91
N ASN B 69 13.94 -16.24 14.90
CA ASN B 69 13.16 -15.77 16.04
C ASN B 69 11.72 -15.73 15.64
N GLY B 70 11.49 -15.62 14.33
CA GLY B 70 10.14 -15.58 13.80
C GLY B 70 9.90 -16.52 12.61
N VAL B 71 8.71 -17.11 12.57
CA VAL B 71 8.33 -18.03 11.51
C VAL B 71 6.97 -17.64 10.93
N ILE B 72 6.65 -18.22 9.78
CA ILE B 72 5.38 -17.99 9.11
C ILE B 72 4.77 -19.36 8.81
N LEU B 73 3.57 -19.62 9.31
CA LEU B 73 2.88 -20.88 9.10
C LEU B 73 1.95 -20.85 7.91
N VAL B 74 1.97 -21.90 7.09
CA VAL B 74 1.06 -21.99 5.95
C VAL B 74 0.36 -23.34 6.03
N ASP B 75 -0.90 -23.36 5.59
CA ASP B 75 -1.71 -24.58 5.59
C ASP B 75 -2.01 -25.18 6.96
N HIS B 76 -1.81 -24.44 8.04
CA HIS B 76 -2.12 -24.99 9.36
C HIS B 76 -1.95 -24.02 10.50
N ASN B 77 -2.40 -24.41 11.68
CA ASN B 77 -2.24 -23.54 12.82
C ASN B 77 -2.24 -24.26 14.14
N GLU B 78 -2.82 -25.45 14.19
CA GLU B 78 -2.86 -26.17 15.46
C GLU B 78 -1.44 -26.63 15.84
N ARG B 79 -1.07 -26.46 17.12
CA ARG B 79 0.28 -26.82 17.61
C ARG B 79 0.78 -28.19 17.20
N GLN B 80 0.02 -29.21 17.53
CA GLN B 80 0.40 -30.57 17.22
C GLN B 80 0.83 -30.75 15.77
N GLN B 81 0.20 -30.02 14.86
CA GLN B 81 0.53 -30.12 13.44
C GLN B 81 1.74 -29.32 13.04
N SER B 82 2.15 -28.43 13.93
CA SER B 82 3.28 -27.56 13.65
C SER B 82 4.61 -28.13 14.12
N ILE B 83 5.69 -27.38 13.87
CA ILE B 83 7.04 -27.78 14.24
C ILE B 83 7.13 -28.20 15.70
N LYS B 84 8.21 -28.87 16.05
CA LYS B 84 8.38 -29.36 17.41
C LYS B 84 8.53 -28.24 18.44
N ASP B 85 9.47 -27.34 18.19
CA ASP B 85 9.73 -26.24 19.12
C ASP B 85 8.95 -24.96 18.77
N ILE B 86 7.73 -25.14 18.29
CA ILE B 86 6.90 -23.99 17.90
C ILE B 86 6.64 -23.03 19.07
N GLU B 87 6.58 -23.58 20.28
CA GLU B 87 6.33 -22.76 21.45
C GLU B 87 7.46 -21.76 21.64
N GLU B 88 8.63 -22.07 21.10
CA GLU B 88 9.81 -21.23 21.27
C GLU B 88 10.13 -20.20 20.21
N VAL B 89 9.21 -19.96 19.28
CA VAL B 89 9.42 -18.95 18.26
C VAL B 89 8.16 -18.10 18.13
N GLN B 90 8.27 -16.99 17.40
CA GLN B 90 7.12 -16.13 17.21
C GLN B 90 6.45 -16.34 15.88
N VAL B 91 5.16 -16.66 15.90
CA VAL B 91 4.43 -16.85 14.65
C VAL B 91 4.14 -15.47 14.07
N LEU B 92 4.89 -15.07 13.05
CA LEU B 92 4.73 -13.76 12.43
C LEU B 92 3.42 -13.61 11.66
N GLU B 93 3.05 -14.68 10.98
CA GLU B 93 1.81 -14.69 10.23
C GLU B 93 1.42 -16.11 9.87
N VAL B 94 0.14 -16.28 9.57
CA VAL B 94 -0.40 -17.59 9.23
C VAL B 94 -1.30 -17.46 8.01
N ILE B 95 -1.06 -18.26 6.99
CA ILE B 95 -1.90 -18.24 5.80
C ILE B 95 -2.49 -19.65 5.78
N ASP B 96 -3.79 -19.75 6.05
CA ASP B 96 -4.39 -21.07 6.16
C ASP B 96 -5.83 -21.16 5.67
N HIS B 97 -6.39 -22.37 5.74
CA HIS B 97 -7.76 -22.58 5.31
C HIS B 97 -8.52 -23.61 6.12
N HIS B 98 -8.14 -23.81 7.37
CA HIS B 98 -8.80 -24.77 8.26
C HIS B 98 -9.36 -24.10 9.49
N ARG B 99 -10.00 -24.87 10.36
CA ARG B 99 -10.58 -24.33 11.58
C ARG B 99 -9.43 -23.78 12.38
N ILE B 100 -9.73 -22.99 13.40
CA ILE B 100 -8.70 -22.44 14.24
C ILE B 100 -8.80 -23.10 15.60
N ALA B 101 -7.72 -23.73 16.04
CA ALA B 101 -7.75 -24.38 17.35
C ALA B 101 -6.35 -24.69 17.81
N ASN B 102 -6.19 -24.87 19.11
CA ASN B 102 -4.88 -25.18 19.67
C ASN B 102 -3.87 -24.23 19.06
N PHE B 103 -4.25 -22.95 19.02
CA PHE B 103 -3.40 -21.91 18.49
C PHE B 103 -3.67 -20.68 19.31
N GLU B 104 -2.64 -19.90 19.55
CA GLU B 104 -2.75 -18.74 20.39
C GLU B 104 -1.50 -17.92 20.20
N THR B 105 -1.61 -16.60 20.29
CA THR B 105 -0.44 -15.74 20.11
C THR B 105 -0.43 -14.72 21.22
N ALA B 106 0.77 -14.34 21.64
CA ALA B 106 0.93 -13.37 22.72
C ALA B 106 0.89 -11.94 22.18
N GLU B 107 1.26 -11.82 20.92
CA GLU B 107 1.32 -10.56 20.21
C GLU B 107 0.42 -10.58 18.98
N PRO B 108 0.16 -9.41 18.39
CA PRO B 108 -0.69 -9.39 17.20
C PRO B 108 0.09 -10.05 16.07
N LEU B 109 -0.57 -10.32 14.96
CA LEU B 109 0.10 -10.94 13.82
C LEU B 109 -0.78 -10.87 12.60
N TYR B 110 -0.23 -11.25 11.45
CA TYR B 110 -0.98 -11.23 10.21
C TYR B 110 -1.60 -12.59 10.00
N TYR B 111 -2.80 -12.79 10.49
CA TYR B 111 -3.50 -14.06 10.33
C TYR B 111 -4.51 -13.90 9.20
N ARG B 112 -4.41 -14.75 8.19
CA ARG B 112 -5.32 -14.68 7.07
C ARG B 112 -5.80 -16.06 6.63
N ALA B 113 -7.00 -16.42 7.08
CA ALA B 113 -7.59 -17.69 6.72
C ALA B 113 -8.86 -17.45 5.92
N GLU B 114 -9.10 -18.28 4.92
CA GLU B 114 -10.28 -18.14 4.09
C GLU B 114 -10.94 -19.51 3.94
N PRO B 115 -12.28 -19.52 3.80
CA PRO B 115 -13.08 -20.74 3.65
C PRO B 115 -12.96 -21.36 2.28
N VAL B 116 -11.74 -21.49 1.79
CA VAL B 116 -11.53 -22.10 0.47
C VAL B 116 -10.90 -23.48 0.66
N GLY B 117 -10.72 -24.20 -0.45
CA GLY B 117 -10.18 -25.55 -0.36
C GLY B 117 -8.67 -25.73 -0.41
N CYS B 118 -7.93 -24.64 -0.54
CA CYS B 118 -6.49 -24.75 -0.61
C CYS B 118 -5.78 -23.45 -0.28
N THR B 119 -4.68 -23.56 0.45
CA THR B 119 -3.88 -22.40 0.86
C THR B 119 -3.41 -21.58 -0.35
N ALA B 120 -3.08 -22.26 -1.43
CA ALA B 120 -2.60 -21.58 -2.63
C ALA B 120 -3.60 -20.59 -3.20
N THR B 121 -4.89 -20.93 -3.11
CA THR B 121 -5.95 -20.06 -3.63
C THR B 121 -5.84 -18.69 -3.00
N ILE B 122 -5.50 -18.69 -1.72
CA ILE B 122 -5.35 -17.46 -0.98
C ILE B 122 -4.11 -16.71 -1.45
N LEU B 123 -2.96 -17.40 -1.50
CA LEU B 123 -1.72 -16.78 -1.94
C LEU B 123 -1.95 -16.08 -3.27
N ASN B 124 -2.58 -16.80 -4.21
CA ASN B 124 -2.87 -16.25 -5.52
C ASN B 124 -3.55 -14.88 -5.40
N LYS B 125 -4.43 -14.72 -4.42
CA LYS B 125 -5.09 -13.42 -4.24
C LYS B 125 -4.03 -12.42 -3.80
N MSE B 126 -3.20 -12.85 -2.85
CA MSE B 126 -2.15 -12.03 -2.29
C MSE B 126 -1.10 -11.57 -3.30
O MSE B 126 -0.54 -10.47 -3.17
CB MSE B 126 -1.49 -12.79 -1.14
CG MSE B 126 -2.46 -13.05 -0.01
SE MSE B 126 -1.72 -14.02 1.48
CE MSE B 126 -0.74 -12.56 2.28
N TYR B 127 -0.82 -12.39 -4.31
CA TYR B 127 0.14 -11.97 -5.32
C TYR B 127 -0.44 -10.77 -6.04
N LYS B 128 -1.70 -10.88 -6.48
CA LYS B 128 -2.35 -9.80 -7.19
C LYS B 128 -2.54 -8.61 -6.30
N GLU B 129 -2.85 -8.86 -5.04
CA GLU B 129 -3.07 -7.75 -4.13
C GLU B 129 -1.82 -6.90 -3.99
N ASN B 130 -0.67 -7.56 -4.01
CA ASN B 130 0.62 -6.86 -3.89
C ASN B 130 1.23 -6.57 -5.25
N ASN B 131 0.48 -6.88 -6.29
CA ASN B 131 0.95 -6.67 -7.64
C ASN B 131 2.38 -7.20 -7.80
N VAL B 132 2.49 -8.51 -7.87
CA VAL B 132 3.78 -9.15 -8.04
C VAL B 132 3.52 -10.23 -9.07
N LYS B 133 4.28 -10.19 -10.16
CA LYS B 133 4.10 -11.18 -11.21
C LYS B 133 4.48 -12.57 -10.68
N ILE B 134 3.69 -13.57 -11.07
CA ILE B 134 3.92 -14.94 -10.65
C ILE B 134 4.78 -15.70 -11.66
N GLU B 135 5.96 -16.14 -11.22
CA GLU B 135 6.86 -16.90 -12.09
C GLU B 135 6.22 -18.21 -12.55
N LYS B 136 6.30 -18.47 -13.85
CA LYS B 136 5.74 -19.69 -14.44
C LYS B 136 6.06 -20.86 -13.52
N GLU B 137 7.32 -20.98 -13.13
CA GLU B 137 7.80 -22.06 -12.28
C GLU B 137 6.92 -22.33 -11.06
N ILE B 138 6.73 -21.31 -10.22
CA ILE B 138 5.93 -21.46 -8.99
C ILE B 138 4.43 -21.57 -9.24
N ALA B 139 3.90 -20.82 -10.23
CA ALA B 139 2.47 -20.90 -10.53
C ALA B 139 2.09 -22.38 -10.63
N GLY B 140 2.99 -23.18 -11.19
CA GLY B 140 2.74 -24.61 -11.32
C GLY B 140 2.61 -25.29 -9.97
N LEU B 141 3.49 -24.93 -9.03
CA LEU B 141 3.44 -25.51 -7.69
C LEU B 141 2.11 -25.17 -7.02
N MSE B 142 1.65 -23.93 -7.23
CA MSE B 142 0.40 -23.47 -6.68
C MSE B 142 -0.73 -24.28 -7.29
O MSE B 142 -1.57 -24.83 -6.58
CB MSE B 142 0.23 -21.98 -6.94
CG MSE B 142 1.26 -21.14 -6.21
SE MSE B 142 0.95 -19.24 -6.35
CE MSE B 142 2.47 -18.79 -7.45
N LEU B 143 -0.72 -24.36 -8.62
CA LEU B 143 -1.73 -25.10 -9.35
C LEU B 143 -1.70 -26.54 -8.83
N SER B 144 -0.50 -27.06 -8.59
CA SER B 144 -0.38 -28.40 -8.09
C SER B 144 -1.12 -28.50 -6.75
N ALA B 145 -0.78 -27.62 -5.83
CA ALA B 145 -1.41 -27.62 -4.52
C ALA B 145 -2.94 -27.60 -4.61
N ILE B 146 -3.49 -26.72 -5.46
CA ILE B 146 -4.94 -26.66 -5.58
C ILE B 146 -5.47 -28.02 -6.04
N ILE B 147 -4.92 -28.53 -7.14
CA ILE B 147 -5.34 -29.84 -7.65
C ILE B 147 -5.29 -30.84 -6.49
N SER B 148 -4.14 -30.92 -5.83
CA SER B 148 -3.94 -31.84 -4.72
C SER B 148 -5.02 -31.76 -3.63
N ASP B 149 -5.26 -30.55 -3.13
CA ASP B 149 -6.25 -30.36 -2.06
C ASP B 149 -7.70 -30.56 -2.52
N SER B 150 -8.00 -30.21 -3.76
CA SER B 150 -9.37 -30.35 -4.27
C SER B 150 -9.65 -31.64 -5.01
N LEU B 151 -8.68 -32.57 -5.01
CA LEU B 151 -8.85 -33.85 -5.70
C LEU B 151 -9.40 -33.56 -7.08
N LEU B 152 -8.73 -32.64 -7.77
CA LEU B 152 -9.10 -32.22 -9.10
C LEU B 152 -10.50 -31.60 -9.15
N PHE B 153 -10.75 -30.69 -8.22
CA PHE B 153 -12.03 -29.97 -8.14
C PHE B 153 -13.23 -30.84 -7.74
N LYS B 154 -12.97 -32.09 -7.39
CA LYS B 154 -14.03 -33.00 -7.01
C LYS B 154 -14.29 -33.01 -5.52
N SER B 155 -13.37 -32.46 -4.75
CA SER B 155 -13.50 -32.42 -3.29
C SER B 155 -14.71 -31.61 -2.80
N PRO B 156 -15.33 -32.05 -1.70
CA PRO B 156 -16.50 -31.38 -1.12
C PRO B 156 -16.17 -29.97 -0.62
N THR B 157 -14.89 -29.73 -0.39
CA THR B 157 -14.39 -28.45 0.13
C THR B 157 -13.98 -27.51 -0.98
N CYS B 158 -13.83 -28.04 -2.19
CA CYS B 158 -13.42 -27.20 -3.31
C CYS B 158 -14.38 -26.05 -3.48
N THR B 159 -13.88 -24.92 -3.98
CA THR B 159 -14.69 -23.73 -4.15
C THR B 159 -14.53 -23.09 -5.49
N ASP B 160 -15.51 -22.29 -5.85
CA ASP B 160 -15.49 -21.58 -7.12
C ASP B 160 -14.23 -20.74 -7.23
N GLN B 161 -13.71 -20.29 -6.09
CA GLN B 161 -12.49 -19.50 -6.04
C GLN B 161 -11.28 -20.35 -6.33
N ASP B 162 -11.29 -21.56 -5.79
CA ASP B 162 -10.20 -22.50 -5.99
C ASP B 162 -10.10 -22.82 -7.48
N VAL B 163 -11.26 -23.08 -8.08
CA VAL B 163 -11.33 -23.42 -9.49
C VAL B 163 -10.90 -22.29 -10.40
N ALA B 164 -11.37 -21.08 -10.10
CA ALA B 164 -11.00 -19.95 -10.92
C ALA B 164 -9.52 -19.66 -10.78
N ALA B 165 -8.99 -19.92 -9.58
CA ALA B 165 -7.58 -19.71 -9.28
C ALA B 165 -6.74 -20.74 -10.00
N ALA B 166 -7.20 -21.98 -10.00
CA ALA B 166 -6.46 -23.03 -10.68
C ALA B 166 -6.38 -22.72 -12.15
N LYS B 167 -7.51 -22.32 -12.74
CA LYS B 167 -7.55 -22.00 -14.17
C LYS B 167 -6.52 -20.94 -14.53
N GLU B 168 -6.53 -19.88 -13.74
CA GLU B 168 -5.64 -18.75 -13.91
C GLU B 168 -4.16 -19.15 -13.80
N LEU B 169 -3.84 -19.95 -12.76
CA LEU B 169 -2.47 -20.42 -12.53
C LEU B 169 -2.00 -21.40 -13.62
N ALA B 170 -2.86 -22.36 -13.98
CA ALA B 170 -2.54 -23.34 -15.01
C ALA B 170 -2.15 -22.66 -16.33
N GLU B 171 -2.73 -21.52 -16.64
CA GLU B 171 -2.37 -20.83 -17.88
C GLU B 171 -0.96 -20.28 -17.76
N ILE B 172 -0.72 -19.56 -16.67
CA ILE B 172 0.59 -18.98 -16.42
C ILE B 172 1.69 -20.05 -16.46
N ALA B 173 1.43 -21.17 -15.78
CA ALA B 173 2.39 -22.28 -15.72
C ALA B 173 2.46 -23.01 -17.04
N GLY B 174 1.63 -22.61 -18.00
CA GLY B 174 1.58 -23.23 -19.31
C GLY B 174 1.28 -24.72 -19.26
N VAL B 175 0.13 -25.09 -18.68
CA VAL B 175 -0.24 -26.49 -18.56
C VAL B 175 -1.77 -26.62 -18.66
N ASP B 176 -2.25 -27.85 -18.68
CA ASP B 176 -3.69 -28.12 -18.74
C ASP B 176 -4.08 -28.63 -17.36
N ALA B 177 -4.84 -27.80 -16.65
CA ALA B 177 -5.30 -28.10 -15.31
C ALA B 177 -5.58 -29.60 -15.10
N GLU B 178 -6.68 -30.08 -15.67
CA GLU B 178 -7.08 -31.47 -15.52
C GLU B 178 -6.08 -32.48 -16.06
N GLU B 179 -5.41 -32.14 -17.15
CA GLU B 179 -4.46 -33.08 -17.73
C GLU B 179 -3.30 -33.33 -16.77
N TYR B 180 -2.58 -32.26 -16.43
CA TYR B 180 -1.45 -32.33 -15.50
C TYR B 180 -1.90 -32.90 -14.15
N GLY B 181 -3.04 -32.39 -13.69
CA GLY B 181 -3.62 -32.81 -12.43
C GLY B 181 -3.71 -34.30 -12.27
N LEU B 182 -4.36 -34.95 -13.25
CA LEU B 182 -4.51 -36.40 -13.21
C LEU B 182 -3.17 -37.10 -13.05
N ASN B 183 -2.19 -36.69 -13.86
CA ASN B 183 -0.88 -37.30 -13.78
C ASN B 183 -0.32 -37.21 -12.37
N MSE B 184 -0.32 -35.98 -11.85
CA MSE B 184 0.17 -35.73 -10.51
C MSE B 184 -0.57 -36.59 -9.50
O MSE B 184 0.03 -37.35 -8.73
CB MSE B 184 -0.01 -34.25 -10.16
CG MSE B 184 0.53 -33.91 -8.80
SE MSE B 184 0.03 -32.15 -8.22
CE MSE B 184 -1.76 -32.58 -7.55
N LEU B 185 -1.90 -36.48 -9.50
CA LEU B 185 -2.72 -37.26 -8.60
C LEU B 185 -2.34 -38.73 -8.67
N LYS B 186 -2.15 -39.24 -9.89
CA LYS B 186 -1.80 -40.63 -10.12
C LYS B 186 -0.49 -41.00 -9.43
N ALA B 187 0.53 -40.16 -9.62
CA ALA B 187 1.84 -40.39 -9.03
C ALA B 187 1.72 -40.55 -7.52
N GLY B 188 0.50 -40.32 -7.02
CA GLY B 188 0.24 -40.45 -5.60
C GLY B 188 0.66 -41.79 -5.04
N ALA B 189 -0.18 -42.82 -5.20
CA ALA B 189 0.15 -44.14 -4.66
C ALA B 189 0.75 -45.06 -5.71
N ASP B 190 0.99 -44.52 -6.91
CA ASP B 190 1.53 -45.29 -8.04
C ASP B 190 1.37 -46.79 -7.79
N LEU B 191 0.24 -47.33 -8.21
CA LEU B 191 -0.02 -48.75 -8.01
C LEU B 191 0.49 -49.55 -9.20
N SER B 192 0.64 -48.88 -10.34
CA SER B 192 1.13 -49.52 -11.56
C SER B 192 2.53 -50.11 -11.37
N LYS B 193 3.25 -49.65 -10.35
CA LYS B 193 4.59 -50.15 -10.05
C LYS B 193 4.59 -50.93 -8.74
N LYS B 194 3.57 -51.74 -8.55
CA LYS B 194 3.47 -52.54 -7.34
C LYS B 194 2.99 -53.96 -7.66
N THR B 195 3.55 -54.93 -6.96
CA THR B 195 3.19 -56.33 -7.15
C THR B 195 1.73 -56.52 -6.78
N VAL B 196 1.10 -57.49 -7.43
CA VAL B 196 -0.29 -57.83 -7.16
C VAL B 196 -0.38 -58.39 -5.73
N GLU B 197 0.76 -58.87 -5.22
CA GLU B 197 0.81 -59.42 -3.86
C GLU B 197 1.07 -58.29 -2.88
N GLU B 198 1.54 -57.16 -3.42
CA GLU B 198 1.80 -55.97 -2.63
C GLU B 198 0.49 -55.21 -2.33
N LEU B 199 -0.34 -55.06 -3.35
CA LEU B 199 -1.63 -54.37 -3.24
C LEU B 199 -2.54 -55.05 -2.21
N ILE B 200 -2.63 -56.36 -2.29
CA ILE B 200 -3.47 -57.13 -1.38
C ILE B 200 -2.97 -57.13 0.08
N SER B 201 -1.86 -56.44 0.31
CA SER B 201 -1.29 -56.40 1.65
C SER B 201 -1.17 -55.02 2.29
N LEU B 202 -1.19 -53.95 1.47
CA LEU B 202 -1.07 -52.57 1.97
C LEU B 202 -1.97 -52.27 3.18
N ASP B 203 -3.21 -51.84 2.94
CA ASP B 203 -4.14 -51.56 4.03
C ASP B 203 -5.14 -52.72 4.18
N ALA B 204 -4.67 -53.80 4.83
CA ALA B 204 -5.50 -54.97 5.03
C ALA B 204 -5.72 -55.22 6.52
N LYS B 205 -6.96 -55.49 6.89
CA LYS B 205 -7.32 -55.77 8.27
C LYS B 205 -8.23 -56.98 8.27
N GLU B 206 -8.05 -57.88 9.24
CA GLU B 206 -8.89 -59.07 9.32
C GLU B 206 -9.97 -58.90 10.39
N PHE B 207 -11.12 -59.52 10.15
CA PHE B 207 -12.24 -59.47 11.09
C PHE B 207 -12.79 -60.87 11.23
N THR B 208 -13.69 -61.05 12.17
CA THR B 208 -14.30 -62.35 12.41
C THR B 208 -15.78 -62.17 12.80
N LEU B 209 -16.52 -61.52 11.89
CA LEU B 209 -17.94 -61.18 12.03
C LEU B 209 -18.91 -62.32 11.86
N GLY B 210 -19.63 -62.63 12.95
CA GLY B 210 -20.60 -63.70 12.93
C GLY B 210 -20.02 -65.11 12.96
N SER B 211 -18.81 -65.23 13.50
CA SER B 211 -18.08 -66.49 13.60
C SER B 211 -17.34 -66.82 12.29
N LYS B 212 -17.56 -66.00 11.27
CA LYS B 212 -16.93 -66.16 9.96
C LYS B 212 -15.59 -65.44 9.93
N LYS B 213 -14.58 -66.03 9.28
CA LYS B 213 -13.26 -65.40 9.18
C LYS B 213 -13.26 -64.58 7.89
N VAL B 214 -13.00 -63.27 8.01
CA VAL B 214 -13.00 -62.35 6.86
C VAL B 214 -11.81 -61.36 6.83
N GLU B 215 -11.46 -60.90 5.63
CA GLU B 215 -10.38 -59.93 5.45
C GLU B 215 -10.80 -58.91 4.40
N ILE B 216 -10.65 -57.63 4.73
CA ILE B 216 -11.01 -56.56 3.80
C ILE B 216 -9.80 -55.68 3.52
N ALA B 217 -9.39 -55.65 2.27
CA ALA B 217 -8.26 -54.83 1.90
C ALA B 217 -8.73 -53.68 1.05
N GLN B 218 -8.13 -52.52 1.25
CA GLN B 218 -8.49 -51.34 0.49
C GLN B 218 -7.29 -50.77 -0.28
N VAL B 219 -7.59 -50.16 -1.42
CA VAL B 219 -6.57 -49.58 -2.28
C VAL B 219 -7.15 -48.34 -2.94
N ASN B 220 -6.48 -47.21 -2.75
CA ASN B 220 -6.97 -45.96 -3.31
C ASN B 220 -6.29 -45.58 -4.62
N THR B 221 -7.09 -45.31 -5.63
CA THR B 221 -6.56 -44.92 -6.93
C THR B 221 -7.39 -43.81 -7.55
N VAL B 222 -6.85 -43.16 -8.56
CA VAL B 222 -7.56 -42.07 -9.22
C VAL B 222 -8.22 -42.58 -10.50
N ASP B 223 -8.18 -43.89 -10.68
CA ASP B 223 -8.77 -44.55 -11.85
C ASP B 223 -8.85 -46.03 -11.51
N ILE B 224 -10.05 -46.51 -11.19
CA ILE B 224 -10.20 -47.91 -10.84
C ILE B 224 -9.64 -48.77 -11.96
N GLU B 225 -9.76 -48.24 -13.18
CA GLU B 225 -9.29 -48.93 -14.37
C GLU B 225 -7.86 -49.46 -14.21
N ASP B 226 -6.98 -48.64 -13.64
CA ASP B 226 -5.59 -49.04 -13.46
C ASP B 226 -5.48 -50.37 -12.70
N VAL B 227 -6.33 -50.56 -11.71
CA VAL B 227 -6.28 -51.76 -10.91
C VAL B 227 -7.18 -52.88 -11.40
N LYS B 228 -8.27 -52.55 -12.08
CA LYS B 228 -9.19 -53.57 -12.59
C LYS B 228 -8.57 -54.29 -13.78
N LYS B 229 -7.75 -53.57 -14.54
CA LYS B 229 -7.06 -54.12 -15.71
C LYS B 229 -6.20 -55.31 -15.30
N ARG B 230 -5.92 -55.43 -14.00
CA ARG B 230 -5.12 -56.51 -13.49
C ARG B 230 -5.94 -57.41 -12.58
N GLN B 231 -7.18 -57.65 -12.94
CA GLN B 231 -8.06 -58.47 -12.11
C GLN B 231 -7.66 -59.94 -12.11
N ALA B 232 -7.17 -60.44 -13.24
CA ALA B 232 -6.76 -61.83 -13.34
C ALA B 232 -5.72 -62.16 -12.26
N GLU B 233 -4.64 -61.39 -12.23
CA GLU B 233 -3.56 -61.57 -11.26
C GLU B 233 -4.04 -61.34 -9.82
N LEU B 234 -4.97 -60.40 -9.64
CA LEU B 234 -5.51 -60.07 -8.33
C LEU B 234 -6.26 -61.26 -7.76
N GLU B 235 -7.17 -61.81 -8.54
CA GLU B 235 -7.97 -62.96 -8.12
C GLU B 235 -7.04 -64.12 -7.74
N ALA B 236 -5.94 -64.24 -8.48
CA ALA B 236 -4.95 -65.29 -8.24
C ALA B 236 -4.38 -65.20 -6.82
N VAL B 237 -3.74 -64.08 -6.54
CA VAL B 237 -3.14 -63.82 -5.24
C VAL B 237 -4.18 -63.86 -4.11
N ILE B 238 -5.36 -63.29 -4.38
CA ILE B 238 -6.42 -63.27 -3.38
C ILE B 238 -6.81 -64.69 -3.05
N SER B 239 -7.09 -65.50 -4.08
CA SER B 239 -7.49 -66.89 -3.88
C SER B 239 -6.46 -67.63 -3.04
N LYS B 240 -5.19 -67.28 -3.23
CA LYS B 240 -4.10 -67.89 -2.48
C LYS B 240 -4.27 -67.59 -0.99
N VAL B 241 -4.39 -66.30 -0.68
CA VAL B 241 -4.54 -65.82 0.69
C VAL B 241 -5.76 -66.45 1.36
N VAL B 242 -6.83 -66.59 0.58
CA VAL B 242 -8.09 -67.17 1.06
C VAL B 242 -7.84 -68.60 1.49
N ALA B 243 -6.95 -69.28 0.77
CA ALA B 243 -6.60 -70.67 1.06
C ALA B 243 -5.72 -70.75 2.32
N GLU B 244 -4.59 -70.02 2.30
CA GLU B 244 -3.65 -70.01 3.41
C GLU B 244 -4.26 -69.60 4.74
N LYS B 245 -5.20 -68.67 4.71
CA LYS B 245 -5.82 -68.18 5.95
C LYS B 245 -7.21 -68.76 6.23
N ASN B 246 -7.66 -69.67 5.37
CA ASN B 246 -8.98 -70.29 5.51
C ASN B 246 -10.04 -69.21 5.75
N LEU B 247 -10.02 -68.23 4.84
CA LEU B 247 -10.95 -67.11 4.89
C LEU B 247 -12.25 -67.50 4.21
N ASP B 248 -13.37 -67.11 4.82
CA ASP B 248 -14.67 -67.39 4.25
C ASP B 248 -14.96 -66.34 3.20
N LEU B 249 -14.30 -65.19 3.33
CA LEU B 249 -14.46 -64.09 2.38
C LEU B 249 -13.30 -63.11 2.42
N PHE B 250 -12.85 -62.70 1.22
CA PHE B 250 -11.80 -61.71 1.12
C PHE B 250 -12.38 -60.64 0.21
N LEU B 251 -12.62 -59.45 0.77
CA LEU B 251 -13.17 -58.34 0.01
C LEU B 251 -12.13 -57.28 -0.31
N LEU B 252 -11.76 -57.18 -1.58
CA LEU B 252 -10.82 -56.15 -1.97
C LEU B 252 -11.71 -54.94 -2.30
N VAL B 253 -11.40 -53.79 -1.74
CA VAL B 253 -12.20 -52.59 -2.02
C VAL B 253 -11.35 -51.58 -2.76
N ILE B 254 -11.52 -51.52 -4.09
CA ILE B 254 -10.76 -50.59 -4.92
C ILE B 254 -11.48 -49.24 -5.04
N THR B 255 -11.10 -48.29 -4.19
CA THR B 255 -11.71 -46.96 -4.16
C THR B 255 -11.19 -45.90 -5.13
N ASP B 256 -12.13 -45.25 -5.82
CA ASP B 256 -11.78 -44.17 -6.76
C ASP B 256 -11.93 -42.90 -5.93
N ILE B 257 -10.81 -42.32 -5.52
CA ILE B 257 -10.87 -41.12 -4.70
C ILE B 257 -11.39 -39.89 -5.44
N LEU B 258 -11.50 -39.97 -6.76
CA LEU B 258 -12.02 -38.83 -7.52
C LEU B 258 -13.54 -38.84 -7.54
N GLU B 259 -14.11 -39.98 -7.86
CA GLU B 259 -15.56 -40.15 -7.95
C GLU B 259 -16.24 -40.67 -6.69
N ASN B 260 -15.45 -40.91 -5.64
CA ASN B 260 -15.98 -41.41 -4.37
C ASN B 260 -16.84 -42.65 -4.45
N ASP B 261 -16.54 -43.49 -5.43
CA ASP B 261 -17.24 -44.76 -5.59
C ASP B 261 -16.09 -45.73 -5.54
N SER B 262 -16.35 -46.94 -5.05
CA SER B 262 -15.29 -47.94 -4.98
C SER B 262 -15.78 -49.30 -5.49
N LEU B 263 -14.98 -49.88 -6.38
CA LEU B 263 -15.29 -51.19 -6.97
C LEU B 263 -14.87 -52.28 -5.99
N ALA B 264 -15.71 -53.30 -5.86
CA ALA B 264 -15.42 -54.39 -4.95
C ALA B 264 -15.10 -55.66 -5.72
N LEU B 265 -14.17 -56.43 -5.17
CA LEU B 265 -13.73 -57.71 -5.74
C LEU B 265 -13.83 -58.69 -4.59
N ALA B 266 -14.93 -59.42 -4.53
CA ALA B 266 -15.13 -60.37 -3.46
C ALA B 266 -14.84 -61.80 -3.89
N ILE B 267 -14.00 -62.47 -3.10
CA ILE B 267 -13.61 -63.86 -3.36
C ILE B 267 -13.82 -64.67 -2.10
N GLY B 268 -14.72 -65.65 -2.15
CA GLY B 268 -14.98 -66.49 -1.00
C GLY B 268 -16.32 -67.21 -1.00
N ASN B 269 -16.70 -67.76 0.16
CA ASN B 269 -17.96 -68.49 0.33
C ASN B 269 -19.07 -67.48 0.59
N GLU B 270 -18.75 -66.49 1.43
CA GLU B 270 -19.68 -65.44 1.80
C GLU B 270 -19.62 -64.27 0.83
N ALA B 271 -19.16 -64.54 -0.39
CA ALA B 271 -19.06 -63.48 -1.41
C ALA B 271 -20.46 -62.99 -1.78
N ALA B 272 -21.48 -63.68 -1.26
CA ALA B 272 -22.86 -63.31 -1.53
C ALA B 272 -23.30 -62.31 -0.48
N LYS B 273 -22.57 -62.26 0.64
CA LYS B 273 -22.87 -61.32 1.72
C LYS B 273 -22.54 -59.89 1.30
N VAL B 274 -21.68 -59.75 0.29
CA VAL B 274 -21.32 -58.43 -0.22
C VAL B 274 -22.50 -57.96 -1.06
N GLU B 275 -23.19 -58.90 -1.69
CA GLU B 275 -24.35 -58.58 -2.53
C GLU B 275 -25.55 -58.19 -1.68
N LYS B 276 -25.61 -58.71 -0.46
CA LYS B 276 -26.70 -58.42 0.44
C LYS B 276 -26.47 -57.07 1.10
N ALA B 277 -25.36 -56.95 1.84
CA ALA B 277 -25.01 -55.73 2.56
C ALA B 277 -24.92 -54.46 1.75
N PHE B 278 -24.64 -54.57 0.45
CA PHE B 278 -24.53 -53.37 -0.38
C PHE B 278 -25.62 -53.31 -1.43
N ASN B 279 -26.45 -54.35 -1.45
CA ASN B 279 -27.54 -54.41 -2.40
C ASN B 279 -27.03 -54.29 -3.82
N VAL B 280 -26.27 -55.31 -4.25
CA VAL B 280 -25.70 -55.34 -5.59
C VAL B 280 -25.67 -56.74 -6.17
N THR B 281 -25.24 -56.83 -7.43
CA THR B 281 -25.13 -58.10 -8.14
C THR B 281 -23.70 -58.28 -8.66
N LEU B 282 -22.96 -59.21 -8.06
CA LEU B 282 -21.58 -59.46 -8.49
C LEU B 282 -21.56 -60.15 -9.84
N GLU B 283 -20.87 -59.56 -10.81
CA GLU B 283 -20.76 -60.10 -12.16
C GLU B 283 -19.29 -60.18 -12.48
N ASN B 284 -18.68 -61.34 -12.19
CA ASN B 284 -17.25 -61.59 -12.41
C ASN B 284 -16.55 -61.25 -11.11
N ASN B 285 -17.31 -61.33 -10.02
CA ASN B 285 -16.83 -61.04 -8.67
C ASN B 285 -16.60 -59.54 -8.47
N THR B 286 -17.01 -58.76 -9.46
CA THR B 286 -16.85 -57.30 -9.47
C THR B 286 -18.17 -56.54 -9.51
N ALA B 287 -18.43 -55.78 -8.45
CA ALA B 287 -19.63 -54.97 -8.35
C ALA B 287 -19.24 -53.59 -7.85
N LEU B 288 -19.80 -52.56 -8.47
CA LEU B 288 -19.51 -51.19 -8.08
C LEU B 288 -20.27 -50.79 -6.81
N LEU B 289 -19.54 -50.51 -5.75
CA LEU B 289 -20.17 -50.09 -4.51
C LEU B 289 -20.19 -48.55 -4.56
N LYS B 290 -21.34 -47.99 -4.90
CA LYS B 290 -21.45 -46.53 -5.01
C LYS B 290 -21.41 -45.77 -3.69
N GLY B 291 -20.65 -44.66 -3.70
CA GLY B 291 -20.54 -43.82 -2.53
C GLY B 291 -19.68 -44.34 -1.39
N VAL B 292 -19.26 -45.60 -1.49
CA VAL B 292 -18.42 -46.20 -0.45
C VAL B 292 -16.96 -45.75 -0.58
N VAL B 293 -16.43 -45.14 0.48
CA VAL B 293 -15.06 -44.63 0.48
C VAL B 293 -14.31 -45.02 1.75
N SER B 294 -15.06 -45.35 2.80
CA SER B 294 -14.47 -45.72 4.08
C SER B 294 -14.99 -47.10 4.45
N ARG B 295 -14.10 -48.00 4.88
CA ARG B 295 -14.52 -49.35 5.23
C ARG B 295 -14.86 -49.48 6.71
N LYS B 296 -14.30 -48.56 7.49
CA LYS B 296 -14.51 -48.55 8.93
C LYS B 296 -15.92 -48.03 9.24
N LYS B 297 -16.36 -47.07 8.42
CA LYS B 297 -17.68 -46.43 8.57
C LYS B 297 -18.76 -46.91 7.61
N GLN B 298 -18.37 -47.42 6.44
CA GLN B 298 -19.34 -47.86 5.45
C GLN B 298 -19.34 -49.33 5.07
N VAL B 299 -18.20 -49.99 5.19
CA VAL B 299 -18.10 -51.39 4.83
C VAL B 299 -18.30 -52.35 6.01
N VAL B 300 -17.48 -52.19 7.05
CA VAL B 300 -17.55 -53.07 8.22
C VAL B 300 -18.89 -53.17 8.94
N PRO B 301 -19.57 -52.03 9.18
CA PRO B 301 -20.86 -52.05 9.88
C PRO B 301 -22.02 -52.67 9.08
N VAL B 302 -22.00 -52.47 7.77
CA VAL B 302 -23.06 -52.99 6.91
C VAL B 302 -22.92 -54.48 6.64
N LEU B 303 -21.69 -54.99 6.72
CA LEU B 303 -21.38 -56.41 6.49
C LEU B 303 -21.53 -57.23 7.77
N THR B 304 -21.32 -56.58 8.91
CA THR B 304 -21.44 -57.23 10.21
C THR B 304 -22.90 -57.55 10.43
N ASP B 305 -23.75 -56.63 9.99
CA ASP B 305 -25.19 -56.79 10.14
C ASP B 305 -25.79 -57.61 9.00
N ALA B 306 -24.93 -58.10 8.11
CA ALA B 306 -25.40 -58.90 6.99
C ALA B 306 -25.13 -60.34 7.32
N MSE B 307 -24.30 -60.55 8.33
CA MSE B 307 -23.94 -61.90 8.71
C MSE B 307 -24.01 -62.06 10.23
O MSE B 307 -22.98 -62.43 10.83
CB MSE B 307 -22.54 -62.19 8.20
CG MSE B 307 -22.07 -61.30 7.00
SE MSE B 307 -19.94 -61.56 6.73
CE MSE B 307 -19.76 -62.90 8.40
N MSE C 1 31.56 4.50 -21.24
CA MSE C 1 30.35 5.37 -21.28
C MSE C 1 30.70 6.87 -21.32
O MSE C 1 31.54 7.33 -20.55
CB MSE C 1 29.48 5.06 -20.07
CG MSE C 1 28.91 3.64 -20.09
SE MSE C 1 27.80 3.27 -21.67
CE MSE C 1 26.91 5.01 -21.79
N GLU C 2 30.08 7.61 -22.24
CA GLU C 2 30.31 9.04 -22.38
C GLU C 2 29.95 9.64 -21.01
N LYS C 3 30.66 10.66 -20.54
CA LYS C 3 30.33 11.21 -19.22
C LYS C 3 29.16 12.15 -19.26
N ILE C 4 28.33 12.06 -18.23
CA ILE C 4 27.15 12.88 -18.11
C ILE C 4 27.22 13.66 -16.82
N LEU C 5 26.57 14.82 -16.79
CA LEU C 5 26.54 15.65 -15.61
C LEU C 5 25.08 15.73 -15.20
N ILE C 6 24.77 15.50 -13.93
CA ILE C 6 23.39 15.58 -13.45
C ILE C 6 23.30 16.73 -12.45
N PHE C 7 22.33 17.61 -12.62
CA PHE C 7 22.21 18.74 -11.70
C PHE C 7 20.82 19.37 -11.67
N GLY C 8 20.54 20.10 -10.60
CA GLY C 8 19.24 20.75 -10.45
C GLY C 8 19.32 22.22 -10.79
N HIS C 9 18.35 23.01 -10.37
CA HIS C 9 18.33 24.43 -10.68
C HIS C 9 19.33 25.27 -9.89
N GLN C 10 19.33 26.57 -10.13
CA GLN C 10 20.21 27.47 -9.41
C GLN C 10 19.58 27.76 -8.05
N ASN C 11 20.30 28.44 -7.16
CA ASN C 11 19.75 28.71 -5.82
C ASN C 11 19.16 27.36 -5.39
N PRO C 12 20.01 26.33 -5.29
CA PRO C 12 19.67 24.96 -4.93
C PRO C 12 18.93 24.67 -3.63
N ASP C 13 17.80 23.98 -3.76
CA ASP C 13 17.00 23.57 -2.63
C ASP C 13 17.41 22.13 -2.36
N THR C 14 16.98 21.57 -1.24
CA THR C 14 17.37 20.20 -0.90
C THR C 14 16.95 19.14 -1.93
N ASP C 15 15.96 19.46 -2.74
CA ASP C 15 15.53 18.52 -3.77
C ASP C 15 16.58 18.53 -4.87
N THR C 16 16.95 19.73 -5.30
CA THR C 16 17.94 19.88 -6.35
C THR C 16 19.29 19.27 -6.03
N ILE C 17 19.67 19.28 -4.76
CA ILE C 17 20.95 18.69 -4.39
C ILE C 17 20.82 17.20 -4.23
N CYS C 18 19.91 16.75 -3.38
CA CYS C 18 19.75 15.32 -3.16
C CYS C 18 19.30 14.49 -4.36
N SER C 19 18.31 14.96 -5.11
CA SER C 19 17.86 14.20 -6.27
C SER C 19 18.96 14.10 -7.31
N ALA C 20 19.84 15.09 -7.39
CA ALA C 20 20.91 15.03 -8.35
C ALA C 20 21.87 13.91 -7.92
N ILE C 21 22.16 13.84 -6.62
CA ILE C 21 23.03 12.81 -6.11
C ILE C 21 22.37 11.45 -6.27
N ALA C 22 21.09 11.37 -5.92
CA ALA C 22 20.33 10.11 -5.98
C ALA C 22 20.27 9.51 -7.38
N TYR C 23 19.81 10.29 -8.35
CA TYR C 23 19.67 9.81 -9.71
C TYR C 23 21.00 9.48 -10.37
N ALA C 24 22.06 10.14 -9.93
CA ALA C 24 23.36 9.83 -10.50
C ALA C 24 23.70 8.44 -10.03
N ASP C 25 23.36 8.13 -8.78
CA ASP C 25 23.61 6.80 -8.25
C ASP C 25 22.85 5.78 -9.11
N LEU C 26 21.54 6.00 -9.25
CA LEU C 26 20.70 5.08 -10.03
C LEU C 26 21.31 4.88 -11.40
N LYS C 27 21.68 5.98 -12.04
CA LYS C 27 22.28 5.94 -13.35
C LYS C 27 23.56 5.13 -13.37
N ASN C 28 24.43 5.36 -12.40
CA ASN C 28 25.68 4.60 -12.35
C ASN C 28 25.42 3.12 -12.11
N LYS C 29 24.49 2.80 -11.23
CA LYS C 29 24.18 1.41 -10.94
C LYS C 29 23.64 0.73 -12.18
N LEU C 30 23.18 1.51 -13.15
CA LEU C 30 22.65 0.94 -14.38
C LEU C 30 23.69 0.93 -15.51
N GLY C 31 24.94 1.17 -15.15
CA GLY C 31 26.02 1.13 -16.12
C GLY C 31 26.41 2.41 -16.82
N PHE C 32 26.01 3.57 -16.32
CA PHE C 32 26.39 4.80 -16.97
C PHE C 32 27.51 5.48 -16.21
N ASN C 33 27.97 6.59 -16.76
CA ASN C 33 29.04 7.38 -16.16
C ASN C 33 28.50 8.78 -15.83
N ALA C 34 27.85 8.90 -14.68
CA ALA C 34 27.25 10.16 -14.28
C ALA C 34 27.85 10.70 -12.99
N GLU C 35 27.81 12.03 -12.86
CA GLU C 35 28.32 12.72 -11.67
C GLU C 35 27.32 13.80 -11.24
N PRO C 36 26.97 13.83 -9.94
CA PRO C 36 26.03 14.81 -9.39
C PRO C 36 26.76 16.12 -9.30
N VAL C 37 26.09 17.21 -9.65
CA VAL C 37 26.71 18.52 -9.60
C VAL C 37 25.73 19.57 -9.13
N ARG C 38 26.24 20.64 -8.54
CA ARG C 38 25.39 21.74 -8.06
C ARG C 38 25.76 23.03 -8.77
N LEU C 39 24.81 23.96 -8.86
CA LEU C 39 25.06 25.23 -9.54
C LEU C 39 25.17 26.41 -8.58
N GLY C 40 25.12 26.13 -7.29
CA GLY C 40 25.21 27.20 -6.32
C GLY C 40 25.59 26.71 -4.93
N GLN C 41 25.38 27.56 -3.92
CA GLN C 41 25.72 27.23 -2.55
C GLN C 41 24.69 26.32 -1.89
N VAL C 42 25.17 25.43 -1.03
CA VAL C 42 24.28 24.51 -0.33
C VAL C 42 23.79 25.18 0.93
N ASN C 43 22.49 25.40 1.05
CA ASN C 43 21.94 26.06 2.24
C ASN C 43 21.94 25.17 3.47
N GLY C 44 21.62 25.75 4.61
CA GLY C 44 21.63 25.01 5.87
C GLY C 44 20.77 23.77 5.95
N GLU C 45 19.57 23.86 5.38
CA GLU C 45 18.67 22.72 5.41
C GLU C 45 19.34 21.55 4.69
N THR C 46 19.81 21.80 3.48
CA THR C 46 20.48 20.78 2.70
C THR C 46 21.69 20.23 3.45
N GLN C 47 22.49 21.13 4.02
CA GLN C 47 23.67 20.74 4.78
C GLN C 47 23.34 19.70 5.80
N TYR C 48 22.43 20.01 6.71
CA TYR C 48 22.04 19.08 7.75
C TYR C 48 21.83 17.67 7.20
N ALA C 49 21.14 17.57 6.08
CA ALA C 49 20.87 16.27 5.47
C ALA C 49 22.14 15.65 4.92
N LEU C 50 22.97 16.45 4.28
CA LEU C 50 24.21 15.93 3.73
C LEU C 50 25.10 15.37 4.83
N ASP C 51 25.20 16.13 5.91
CA ASP C 51 26.02 15.74 7.05
C ASP C 51 25.42 14.55 7.77
N TYR C 52 24.14 14.63 8.08
CA TYR C 52 23.50 13.55 8.81
C TYR C 52 23.74 12.19 8.16
N PHE C 53 23.66 12.13 6.84
CA PHE C 53 23.88 10.87 6.15
C PHE C 53 25.27 10.70 5.56
N LYS C 54 26.24 11.42 6.11
CA LYS C 54 27.63 11.36 5.67
C LYS C 54 27.78 11.34 4.15
N GLN C 55 27.32 12.40 3.51
CA GLN C 55 27.41 12.51 2.06
C GLN C 55 28.15 13.76 1.66
N GLU C 56 29.05 13.60 0.70
CA GLU C 56 29.85 14.69 0.20
C GLU C 56 28.98 15.69 -0.56
N SER C 57 29.28 16.97 -0.42
CA SER C 57 28.54 18.01 -1.12
C SER C 57 28.87 17.95 -2.62
N PRO C 58 27.86 17.74 -3.48
CA PRO C 58 28.14 17.68 -4.91
C PRO C 58 28.98 18.85 -5.40
N ARG C 59 29.89 18.57 -6.32
CA ARG C 59 30.84 19.51 -6.90
C ARG C 59 30.22 20.76 -7.53
N LEU C 60 30.76 21.95 -7.22
CA LEU C 60 30.25 23.18 -7.80
C LEU C 60 30.71 23.34 -9.23
N VAL C 61 29.79 23.77 -10.09
CA VAL C 61 30.07 23.94 -11.50
C VAL C 61 29.45 25.24 -12.03
N GLU C 62 30.08 25.84 -13.01
CA GLU C 62 29.59 27.09 -13.59
C GLU C 62 29.10 26.90 -15.00
N THR C 63 29.67 25.92 -15.69
CA THR C 63 29.32 25.63 -17.07
C THR C 63 29.46 24.14 -17.28
N ALA C 64 28.85 23.59 -18.33
CA ALA C 64 28.95 22.17 -18.58
C ALA C 64 29.55 21.83 -19.94
N ALA C 65 29.28 22.67 -20.92
CA ALA C 65 29.75 22.45 -22.28
C ALA C 65 31.22 22.05 -22.34
N ASN C 66 32.03 22.62 -21.46
CA ASN C 66 33.45 22.34 -21.44
C ASN C 66 33.78 20.94 -20.97
N GLU C 67 32.89 20.35 -20.18
CA GLU C 67 33.11 19.03 -19.62
C GLU C 67 32.43 17.89 -20.31
N VAL C 68 31.17 18.09 -20.66
CA VAL C 68 30.39 17.04 -21.30
C VAL C 68 29.62 17.53 -22.51
N ASN C 69 28.95 16.60 -23.18
CA ASN C 69 28.17 16.94 -24.36
C ASN C 69 26.73 16.77 -24.00
N GLY C 70 26.47 15.97 -22.99
CA GLY C 70 25.10 15.76 -22.55
C GLY C 70 24.91 15.92 -21.06
N VAL C 71 23.78 16.48 -20.65
CA VAL C 71 23.48 16.68 -19.23
C VAL C 71 22.09 16.14 -18.90
N ILE C 72 21.83 15.89 -17.62
CA ILE C 72 20.54 15.41 -17.16
C ILE C 72 20.02 16.42 -16.15
N LEU C 73 18.79 16.89 -16.35
CA LEU C 73 18.19 17.87 -15.46
C LEU C 73 17.22 17.27 -14.45
N VAL C 74 17.36 17.66 -13.19
CA VAL C 74 16.42 17.19 -12.16
C VAL C 74 15.81 18.39 -11.46
N ASP C 75 14.55 18.30 -11.10
CA ASP C 75 13.85 19.35 -10.37
C ASP C 75 13.67 20.67 -11.14
N HIS C 76 13.73 20.63 -12.46
CA HIS C 76 13.53 21.87 -13.20
C HIS C 76 13.69 21.67 -14.68
N ASN C 77 13.24 22.65 -15.46
CA ASN C 77 13.38 22.60 -16.90
C ASN C 77 13.48 23.97 -17.61
N GLU C 78 12.93 25.02 -17.00
CA GLU C 78 13.00 26.34 -17.61
C GLU C 78 14.45 26.86 -17.67
N ARG C 79 14.87 27.35 -18.83
CA ARG C 79 16.24 27.84 -19.03
C ARG C 79 16.84 28.70 -17.95
N GLN C 80 16.15 29.77 -17.60
CA GLN C 80 16.66 30.66 -16.56
C GLN C 80 17.05 29.94 -15.27
N GLN C 81 16.36 28.87 -14.94
CA GLN C 81 16.65 28.13 -13.73
C GLN C 81 17.81 27.17 -13.89
N SER C 82 18.15 26.88 -15.13
CA SER C 82 19.21 25.94 -15.41
C SER C 82 20.59 26.59 -15.44
N ILE C 83 21.57 25.80 -15.86
CA ILE C 83 22.96 26.22 -15.94
C ILE C 83 23.14 27.34 -16.95
N LYS C 84 24.21 28.09 -16.78
CA LYS C 84 24.52 29.22 -17.64
C LYS C 84 24.60 28.87 -19.13
N ASP C 85 25.48 27.94 -19.49
CA ASP C 85 25.63 27.58 -20.90
C ASP C 85 24.76 26.40 -21.31
N ILE C 86 23.54 26.33 -20.78
CA ILE C 86 22.62 25.24 -21.08
C ILE C 86 22.31 25.09 -22.56
N GLU C 87 22.30 26.21 -23.26
CA GLU C 87 22.02 26.21 -24.67
C GLU C 87 23.07 25.40 -25.44
N GLU C 88 24.26 25.32 -24.86
CA GLU C 88 25.38 24.64 -25.52
C GLU C 88 25.57 23.16 -25.26
N VAL C 89 24.63 22.54 -24.57
CA VAL C 89 24.71 21.11 -24.31
C VAL C 89 23.39 20.46 -24.63
N GLN C 90 23.40 19.14 -24.70
CA GLN C 90 22.19 18.40 -25.01
C GLN C 90 21.51 17.87 -23.74
N VAL C 91 20.22 18.19 -23.58
CA VAL C 91 19.50 17.69 -22.43
C VAL C 91 19.06 16.26 -22.75
N LEU C 92 19.77 15.28 -22.19
CA LEU C 92 19.46 13.87 -22.39
C LEU C 92 18.14 13.46 -21.78
N GLU C 93 17.87 13.98 -20.59
CA GLU C 93 16.64 13.71 -19.89
C GLU C 93 16.37 14.69 -18.79
N VAL C 94 15.11 14.73 -18.37
CA VAL C 94 14.63 15.64 -17.35
C VAL C 94 13.70 14.89 -16.38
N ILE C 95 14.04 14.90 -15.09
CA ILE C 95 13.17 14.26 -14.12
C ILE C 95 12.70 15.48 -13.34
N ASP C 96 11.41 15.79 -13.40
CA ASP C 96 10.91 16.99 -12.76
C ASP C 96 9.48 16.92 -12.28
N HIS C 97 9.02 17.98 -11.62
CA HIS C 97 7.65 18.00 -11.10
C HIS C 97 6.98 19.37 -11.14
N HIS C 98 7.42 20.23 -12.05
CA HIS C 98 6.83 21.56 -12.17
C HIS C 98 6.22 21.72 -13.55
N ARG C 99 5.75 22.92 -13.84
CA ARG C 99 5.15 23.21 -15.15
C ARG C 99 6.26 23.17 -16.17
N ILE C 100 5.91 23.02 -17.44
CA ILE C 100 6.90 23.01 -18.49
C ILE C 100 6.82 24.33 -19.26
N ALA C 101 7.95 25.02 -19.35
CA ALA C 101 8.00 26.32 -20.03
C ALA C 101 9.43 26.75 -20.24
N ASN C 102 9.64 27.64 -21.21
CA ASN C 102 10.98 28.11 -21.51
C ASN C 102 11.92 26.92 -21.59
N PHE C 103 11.40 25.86 -22.20
CA PHE C 103 12.16 24.63 -22.40
C PHE C 103 11.80 24.13 -23.78
N GLU C 104 12.79 23.55 -24.43
CA GLU C 104 12.60 23.08 -25.79
C GLU C 104 13.82 22.24 -26.16
N THR C 105 13.61 21.18 -26.91
CA THR C 105 14.71 20.32 -27.31
C THR C 105 14.70 20.12 -28.81
N ALA C 106 15.87 19.95 -29.39
CA ALA C 106 15.96 19.76 -30.83
C ALA C 106 15.74 18.30 -31.18
N GLU C 107 16.05 17.44 -30.22
CA GLU C 107 15.95 16.00 -30.40
C GLU C 107 15.00 15.41 -29.36
N PRO C 108 14.69 14.12 -29.50
CA PRO C 108 13.80 13.49 -28.52
C PRO C 108 14.64 13.31 -27.25
N LEU C 109 14.00 12.92 -26.16
CA LEU C 109 14.71 12.73 -24.91
C LEU C 109 13.84 12.01 -23.90
N TYR C 110 14.38 11.72 -22.74
CA TYR C 110 13.60 11.03 -21.73
C TYR C 110 13.12 12.06 -20.77
N TYR C 111 11.93 12.59 -21.01
CA TYR C 111 11.36 13.60 -20.13
C TYR C 111 10.31 12.95 -19.26
N ARG C 112 10.48 13.02 -17.95
CA ARG C 112 9.54 12.41 -17.03
C ARG C 112 9.13 13.33 -15.90
N ALA C 113 7.96 13.93 -16.05
CA ALA C 113 7.44 14.84 -15.04
C ALA C 113 6.13 14.27 -14.47
N GLU C 114 5.97 14.38 -13.17
CA GLU C 114 4.79 13.89 -12.50
C GLU C 114 4.25 14.96 -11.56
N PRO C 115 2.91 15.06 -11.42
CA PRO C 115 2.24 16.06 -10.56
C PRO C 115 2.37 15.77 -9.07
N VAL C 116 3.56 15.41 -8.63
CA VAL C 116 3.81 15.12 -7.22
C VAL C 116 4.54 16.30 -6.61
N GLY C 117 4.78 16.24 -5.30
CA GLY C 117 5.40 17.36 -4.64
C GLY C 117 6.88 17.35 -4.53
N CYS C 118 7.53 16.34 -5.08
CA CYS C 118 8.98 16.27 -4.97
C CYS C 118 9.62 15.39 -6.03
N THR C 119 10.77 15.80 -6.54
CA THR C 119 11.44 15.04 -7.57
C THR C 119 11.85 13.66 -7.08
N ALA C 120 12.25 13.57 -5.81
CA ALA C 120 12.65 12.29 -5.25
C ALA C 120 11.55 11.23 -5.23
N THR C 121 10.30 11.65 -5.13
CA THR C 121 9.18 10.72 -5.13
C THR C 121 9.18 9.94 -6.44
N ILE C 122 9.54 10.63 -7.52
CA ILE C 122 9.60 10.03 -8.85
C ILE C 122 10.83 9.12 -8.93
N LEU C 123 11.97 9.58 -8.44
CA LEU C 123 13.17 8.73 -8.48
C LEU C 123 12.86 7.41 -7.79
N ASN C 124 12.29 7.48 -6.58
CA ASN C 124 11.93 6.29 -5.81
C ASN C 124 11.15 5.31 -6.68
N LYS C 125 10.26 5.80 -7.54
CA LYS C 125 9.49 4.91 -8.41
C LYS C 125 10.48 4.28 -9.35
N MSE C 126 11.33 5.14 -9.91
CA MSE C 126 12.34 4.72 -10.86
C MSE C 126 13.34 3.69 -10.33
O MSE C 126 13.85 2.88 -11.09
CB MSE C 126 13.05 5.95 -11.40
CG MSE C 126 12.12 6.88 -12.16
SE MSE C 126 13.02 8.41 -12.87
CE MSE C 126 13.76 7.59 -14.46
N TYR C 127 13.62 3.72 -9.04
CA TYR C 127 14.54 2.74 -8.49
C TYR C 127 13.87 1.38 -8.53
N LYS C 128 12.62 1.33 -8.11
CA LYS C 128 11.87 0.09 -8.11
C LYS C 128 11.60 -0.40 -9.52
N GLU C 129 11.31 0.52 -10.43
CA GLU C 129 11.03 0.14 -11.81
C GLU C 129 12.24 -0.55 -12.45
N ASN C 130 13.45 -0.13 -12.06
CA ASN C 130 14.70 -0.69 -12.59
C ASN C 130 15.27 -1.72 -11.65
N ASN C 131 14.49 -2.07 -10.63
CA ASN C 131 14.92 -3.04 -9.64
C ASN C 131 16.37 -2.85 -9.22
N VAL C 132 16.61 -1.75 -8.52
CA VAL C 132 17.94 -1.42 -8.02
C VAL C 132 17.76 -1.11 -6.54
N LYS C 133 18.51 -1.79 -5.68
CA LYS C 133 18.37 -1.57 -4.25
C LYS C 133 18.85 -0.17 -3.89
N ILE C 134 18.11 0.50 -3.00
CA ILE C 134 18.47 1.84 -2.56
C ILE C 134 19.37 1.80 -1.33
N GLU C 135 20.61 2.25 -1.45
CA GLU C 135 21.53 2.26 -0.34
C GLU C 135 20.98 3.11 0.80
N LYS C 136 21.13 2.64 2.03
CA LYS C 136 20.65 3.36 3.20
C LYS C 136 21.02 4.83 3.09
N GLU C 137 22.30 5.08 2.86
CA GLU C 137 22.82 6.42 2.73
C GLU C 137 21.98 7.36 1.86
N ILE C 138 21.75 6.99 0.60
CA ILE C 138 21.00 7.86 -0.29
C ILE C 138 19.51 7.92 -0.02
N ALA C 139 18.93 6.83 0.47
CA ALA C 139 17.50 6.86 0.79
C ALA C 139 17.25 8.05 1.71
N GLY C 140 18.20 8.30 2.61
CA GLY C 140 18.09 9.41 3.53
C GLY C 140 18.03 10.73 2.80
N LEU C 141 18.89 10.92 1.79
CA LEU C 141 18.89 12.15 1.02
C LEU C 141 17.58 12.34 0.27
N MSE C 142 17.00 11.23 -0.18
CA MSE C 142 15.74 11.29 -0.90
C MSE C 142 14.64 11.66 0.07
O MSE C 142 13.79 12.48 -0.25
CB MSE C 142 15.45 9.96 -1.58
CG MSE C 142 16.47 9.63 -2.64
SE MSE C 142 16.07 8.04 -3.60
CE MSE C 142 17.41 6.95 -2.85
N LEU C 143 14.67 11.06 1.25
CA LEU C 143 13.70 11.34 2.32
C LEU C 143 13.79 12.82 2.65
N SER C 144 15.02 13.32 2.70
CA SER C 144 15.26 14.72 3.00
C SER C 144 14.56 15.57 1.98
N ALA C 145 14.88 15.33 0.71
CA ALA C 145 14.28 16.07 -0.38
C ALA C 145 12.75 16.12 -0.27
N ILE C 146 12.12 15.00 0.04
CA ILE C 146 10.68 14.97 0.16
C ILE C 146 10.25 15.80 1.35
N ILE C 147 10.91 15.64 2.49
CA ILE C 147 10.54 16.43 3.66
C ILE C 147 10.65 17.89 3.33
N SER C 148 11.75 18.26 2.71
CA SER C 148 11.99 19.65 2.33
C SER C 148 10.93 20.25 1.41
N ASP C 149 10.64 19.57 0.31
CA ASP C 149 9.66 20.08 -0.64
C ASP C 149 8.22 20.06 -0.12
N SER C 150 7.89 19.14 0.76
CA SER C 150 6.52 19.08 1.26
C SER C 150 6.33 19.74 2.62
N LEU C 151 7.37 20.38 3.15
CA LEU C 151 7.27 21.03 4.46
C LEU C 151 6.68 20.05 5.46
N LEU C 152 7.26 18.86 5.48
CA LEU C 152 6.82 17.80 6.39
C LEU C 152 5.39 17.40 6.10
N PHE C 153 5.09 17.16 4.84
CA PHE C 153 3.78 16.73 4.37
C PHE C 153 2.67 17.75 4.54
N LYS C 154 3.01 18.96 4.98
CA LYS C 154 2.01 19.99 5.19
C LYS C 154 1.78 20.87 3.97
N SER C 155 2.69 20.80 3.00
CA SER C 155 2.60 21.59 1.77
C SER C 155 1.35 21.33 0.94
N PRO C 156 0.79 22.37 0.29
CA PRO C 156 -0.41 22.24 -0.54
C PRO C 156 -0.21 21.38 -1.77
N THR C 157 1.05 21.20 -2.13
CA THR C 157 1.44 20.40 -3.30
C THR C 157 1.71 18.95 -2.92
N CYS C 158 1.98 18.70 -1.64
CA CYS C 158 2.26 17.35 -1.17
C CYS C 158 1.19 16.37 -1.62
N THR C 159 1.60 15.15 -1.90
CA THR C 159 0.70 14.13 -2.39
C THR C 159 0.75 12.84 -1.59
N ASP C 160 -0.27 12.03 -1.76
CA ASP C 160 -0.34 10.75 -1.08
C ASP C 160 0.88 9.91 -1.43
N GLN C 161 1.37 10.06 -2.66
CA GLN C 161 2.54 9.34 -3.18
C GLN C 161 3.82 9.80 -2.51
N ASP C 162 3.91 11.10 -2.27
CA ASP C 162 5.08 11.68 -1.64
C ASP C 162 5.21 11.16 -0.23
N VAL C 163 4.08 11.10 0.47
CA VAL C 163 4.05 10.64 1.84
C VAL C 163 4.37 9.16 1.93
N ALA C 164 3.78 8.37 1.04
CA ALA C 164 4.03 6.94 1.04
C ALA C 164 5.50 6.66 0.71
N ALA C 165 6.09 7.52 -0.13
CA ALA C 165 7.48 7.40 -0.54
C ALA C 165 8.39 7.78 0.57
N ALA C 166 8.04 8.85 1.27
CA ALA C 166 8.85 9.29 2.40
C ALA C 166 8.89 8.19 3.45
N LYS C 167 7.74 7.62 3.74
CA LYS C 167 7.65 6.55 4.73
C LYS C 167 8.57 5.40 4.36
N GLU C 168 8.40 4.90 3.14
CA GLU C 168 9.19 3.82 2.62
C GLU C 168 10.69 4.11 2.71
N LEU C 169 11.09 5.31 2.30
CA LEU C 169 12.50 5.71 2.32
C LEU C 169 13.02 5.86 3.72
N ALA C 170 12.20 6.42 4.60
CA ALA C 170 12.56 6.65 5.99
C ALA C 170 12.94 5.35 6.69
N GLU C 171 12.25 4.27 6.38
CA GLU C 171 12.58 2.99 7.00
C GLU C 171 13.92 2.52 6.51
N ILE C 172 14.11 2.53 5.20
CA ILE C 172 15.37 2.10 4.60
C ILE C 172 16.54 2.87 5.19
N ALA C 173 16.40 4.19 5.29
CA ALA C 173 17.47 5.04 5.83
C ALA C 173 17.60 4.88 7.34
N GLY C 174 16.65 4.17 7.93
CA GLY C 174 16.66 3.93 9.37
C GLY C 174 16.50 5.18 10.19
N VAL C 175 15.40 5.90 9.97
CA VAL C 175 15.13 7.13 10.70
C VAL C 175 13.62 7.31 10.82
N ASP C 176 13.19 8.31 11.60
CA ASP C 176 11.78 8.59 11.76
C ASP C 176 11.42 9.81 10.91
N ALA C 177 10.64 9.57 9.87
CA ALA C 177 10.24 10.63 8.96
C ALA C 177 10.05 11.97 9.63
N GLU C 178 9.01 12.11 10.47
CA GLU C 178 8.74 13.38 11.12
C GLU C 178 9.76 13.83 12.15
N GLU C 179 10.42 12.88 12.81
CA GLU C 179 11.41 13.25 13.81
C GLU C 179 12.63 13.91 13.14
N TYR C 180 13.23 13.20 12.19
CA TYR C 180 14.38 13.70 11.44
C TYR C 180 13.95 14.94 10.65
N GLY C 181 12.80 14.83 10.00
CA GLY C 181 12.28 15.94 9.21
C GLY C 181 12.32 17.27 9.94
N LEU C 182 11.73 17.32 11.12
CA LEU C 182 11.73 18.55 11.90
C LEU C 182 13.13 19.08 12.12
N ASN C 183 14.03 18.23 12.59
CA ASN C 183 15.38 18.67 12.82
C ASN C 183 15.96 19.31 11.58
N MSE C 184 15.78 18.66 10.44
CA MSE C 184 16.28 19.19 9.17
C MSE C 184 15.64 20.53 8.82
O MSE C 184 16.34 21.50 8.53
CB MSE C 184 16.04 18.20 8.04
CG MSE C 184 16.51 18.69 6.66
SE MSE C 184 15.85 17.67 5.14
CE MSE C 184 14.18 18.59 4.92
N LEU C 185 14.31 20.58 8.84
CA LEU C 185 13.61 21.81 8.54
C LEU C 185 14.09 22.94 9.43
N LYS C 186 14.30 22.62 10.71
CA LYS C 186 14.75 23.59 11.69
C LYS C 186 16.09 24.18 11.31
N ALA C 187 17.02 23.31 10.93
CA ALA C 187 18.37 23.73 10.52
C ALA C 187 18.32 24.72 9.37
N GLY C 188 17.13 24.90 8.79
CA GLY C 188 16.97 25.83 7.69
C GLY C 188 17.36 27.23 8.09
N ALA C 189 16.53 27.91 8.87
CA ALA C 189 16.88 29.26 9.32
C ALA C 189 17.59 29.15 10.66
N ASP C 190 17.28 28.10 11.40
CA ASP C 190 17.85 27.86 12.71
C ASP C 190 17.68 29.09 13.60
N LEU C 191 16.60 29.10 14.39
CA LEU C 191 16.34 30.22 15.27
C LEU C 191 16.99 29.99 16.63
N SER C 192 17.23 28.73 16.97
CA SER C 192 17.84 28.37 18.24
C SER C 192 19.24 28.95 18.40
N LYS C 193 19.82 29.42 17.30
CA LYS C 193 21.15 30.02 17.32
C LYS C 193 21.08 31.49 16.96
N LYS C 194 20.01 32.15 17.38
CA LYS C 194 19.84 33.58 17.09
C LYS C 194 19.47 34.37 18.34
N THR C 195 20.00 35.58 18.44
CA THR C 195 19.73 36.45 19.58
C THR C 195 18.26 36.82 19.62
N VAL C 196 17.73 37.02 20.82
CA VAL C 196 16.35 37.40 20.98
C VAL C 196 16.17 38.77 20.33
N GLU C 197 17.26 39.53 20.23
CA GLU C 197 17.21 40.85 19.61
C GLU C 197 17.34 40.69 18.11
N GLU C 198 17.79 39.52 17.68
CA GLU C 198 17.93 39.24 16.26
C GLU C 198 16.57 38.87 15.66
N LEU C 199 15.81 38.04 16.37
CA LEU C 199 14.49 37.60 15.90
C LEU C 199 13.54 38.77 15.71
N ILE C 200 13.52 39.66 16.69
CA ILE C 200 12.66 40.82 16.67
C ILE C 200 13.05 41.83 15.60
N SER C 201 14.11 41.54 14.86
CA SER C 201 14.56 42.45 13.82
C SER C 201 14.58 41.88 12.41
N LEU C 202 14.54 40.56 12.28
CA LEU C 202 14.54 39.93 10.97
C LEU C 202 13.57 40.66 10.03
N ASP C 203 12.27 40.65 10.30
CA ASP C 203 11.30 41.34 9.45
C ASP C 203 10.42 42.27 10.31
N ALA C 204 10.95 43.45 10.61
CA ALA C 204 10.23 44.41 11.43
C ALA C 204 9.92 45.67 10.63
N LYS C 205 8.66 46.07 10.63
CA LYS C 205 8.23 47.26 9.93
C LYS C 205 7.41 48.13 10.87
N GLU C 206 7.62 49.44 10.84
CA GLU C 206 6.87 50.34 11.70
C GLU C 206 5.72 51.02 10.95
N PHE C 207 4.64 51.29 11.67
CA PHE C 207 3.47 51.94 11.11
C PHE C 207 2.98 53.02 12.08
N THR C 208 2.04 53.85 11.63
CA THR C 208 1.49 54.91 12.46
C THR C 208 -0.02 54.98 12.21
N LEU C 209 -0.71 53.88 12.49
CA LEU C 209 -2.15 53.78 12.27
C LEU C 209 -3.06 54.47 13.29
N GLY C 210 -3.74 55.49 12.81
CA GLY C 210 -4.66 56.24 13.64
C GLY C 210 -3.98 57.19 14.61
N SER C 211 -2.83 57.71 14.21
CA SER C 211 -2.01 58.64 15.02
C SER C 211 -1.18 57.92 16.10
N LYS C 212 -1.38 56.61 16.22
CA LYS C 212 -0.66 55.77 17.19
C LYS C 212 0.61 55.19 16.56
N LYS C 213 1.70 55.17 17.32
CA LYS C 213 2.98 54.63 16.82
C LYS C 213 3.01 53.13 17.09
N VAL C 214 3.16 52.31 16.03
CA VAL C 214 3.16 50.85 16.19
C VAL C 214 4.26 50.15 15.37
N GLU C 215 4.66 48.96 15.81
CA GLU C 215 5.67 48.16 15.13
C GLU C 215 5.24 46.69 15.13
N ILE C 216 5.27 46.05 13.97
CA ILE C 216 4.88 44.65 13.88
C ILE C 216 6.01 43.85 13.29
N ALA C 217 6.52 42.89 14.05
CA ALA C 217 7.61 42.06 13.58
C ALA C 217 7.11 40.66 13.35
N GLN C 218 7.64 39.99 12.34
CA GLN C 218 7.23 38.62 12.05
C GLN C 218 8.39 37.65 12.05
N VAL C 219 8.13 36.43 12.49
CA VAL C 219 9.14 35.39 12.57
C VAL C 219 8.52 34.07 12.12
N ASN C 220 9.13 33.41 11.15
CA ASN C 220 8.58 32.15 10.64
C ASN C 220 9.32 30.95 11.17
N THR C 221 8.61 30.03 11.80
CA THR C 221 9.23 28.82 12.32
C THR C 221 8.39 27.61 12.00
N VAL C 222 8.94 26.42 12.24
CA VAL C 222 8.23 25.18 11.97
C VAL C 222 7.66 24.59 13.26
N ASP C 223 7.80 25.36 14.33
CA ASP C 223 7.31 24.98 15.64
C ASP C 223 7.29 26.26 16.49
N ILE C 224 6.12 26.84 16.69
CA ILE C 224 6.03 28.06 17.47
C ILE C 224 6.68 27.81 18.84
N GLU C 225 6.61 26.57 19.30
CA GLU C 225 7.18 26.16 20.58
C GLU C 225 8.63 26.60 20.74
N ASP C 226 9.40 26.49 19.67
CA ASP C 226 10.81 26.88 19.68
C ASP C 226 10.99 28.33 20.11
N VAL C 227 10.06 29.19 19.69
CA VAL C 227 10.10 30.61 20.00
C VAL C 227 9.30 31.02 21.24
N LYS C 228 8.26 30.26 21.56
CA LYS C 228 7.43 30.57 22.73
C LYS C 228 8.15 30.23 24.02
N LYS C 229 8.97 29.20 23.98
CA LYS C 229 9.74 28.73 25.14
C LYS C 229 10.65 29.85 25.65
N ARG C 230 10.89 30.83 24.80
CA ARG C 230 11.75 31.96 25.13
C ARG C 230 10.95 33.25 25.21
N GLN C 231 9.74 33.17 25.74
CA GLN C 231 8.87 34.33 25.86
C GLN C 231 9.37 35.35 26.87
N ALA C 232 9.97 34.86 27.96
CA ALA C 232 10.49 35.73 28.99
C ALA C 232 11.49 36.71 28.39
N GLU C 233 12.47 36.17 27.67
CA GLU C 233 13.51 36.96 27.05
C GLU C 233 12.94 37.85 25.95
N LEU C 234 11.92 37.36 25.25
CA LEU C 234 11.27 38.11 24.17
C LEU C 234 10.59 39.36 24.70
N GLU C 235 9.77 39.18 25.73
CA GLU C 235 9.05 40.30 26.32
C GLU C 235 10.03 41.34 26.85
N ALA C 236 11.18 40.88 27.33
CA ALA C 236 12.20 41.76 27.85
C ALA C 236 12.74 42.72 26.79
N VAL C 237 13.15 42.16 25.66
CA VAL C 237 13.70 42.94 24.56
C VAL C 237 12.62 43.77 23.89
N ILE C 238 11.42 43.22 23.80
CA ILE C 238 10.33 43.96 23.19
C ILE C 238 10.02 45.19 24.02
N SER C 239 9.88 45.01 25.33
CA SER C 239 9.57 46.11 26.24
C SER C 239 10.61 47.21 26.15
N LYS C 240 11.86 46.82 25.88
CA LYS C 240 12.95 47.78 25.75
C LYS C 240 12.70 48.64 24.51
N VAL C 241 12.40 47.99 23.39
CA VAL C 241 12.15 48.67 22.12
C VAL C 241 10.95 49.59 22.26
N VAL C 242 9.92 49.10 22.93
CA VAL C 242 8.71 49.88 23.15
C VAL C 242 9.05 51.15 23.89
N ALA C 243 10.07 51.09 24.74
CA ALA C 243 10.48 52.25 25.52
C ALA C 243 11.32 53.23 24.69
N GLU C 244 12.31 52.70 23.98
CA GLU C 244 13.19 53.53 23.17
C GLU C 244 12.46 54.24 22.04
N LYS C 245 11.47 53.59 21.45
CA LYS C 245 10.73 54.18 20.34
C LYS C 245 9.37 54.77 20.71
N ASN C 246 9.04 54.77 22.00
CA ASN C 246 7.76 55.29 22.47
C ASN C 246 6.62 54.70 21.65
N LEU C 247 6.61 53.38 21.54
CA LEU C 247 5.60 52.65 20.80
C LEU C 247 4.36 52.43 21.65
N ASP C 248 3.20 52.57 21.02
CA ASP C 248 1.94 52.36 21.70
C ASP C 248 1.62 50.88 21.63
N LEU C 249 2.27 50.20 20.69
CA LEU C 249 2.07 48.76 20.52
C LEU C 249 3.15 48.09 19.68
N PHE C 250 3.64 46.96 20.16
CA PHE C 250 4.63 46.18 19.43
C PHE C 250 4.03 44.80 19.35
N LEU C 251 3.66 44.39 18.15
CA LEU C 251 3.05 43.08 17.97
C LEU C 251 4.01 42.11 17.31
N LEU C 252 4.45 41.12 18.05
CA LEU C 252 5.33 40.12 17.45
C LEU C 252 4.39 39.05 16.91
N VAL C 253 4.55 38.68 15.64
CA VAL C 253 3.71 37.67 15.04
C VAL C 253 4.55 36.44 14.73
N ILE C 254 4.46 35.43 15.60
CA ILE C 254 5.22 34.19 15.43
C ILE C 254 4.43 33.18 14.61
N THR C 255 4.70 33.14 13.31
CA THR C 255 3.99 32.26 12.38
C THR C 255 4.52 30.83 12.23
N ASP C 256 3.61 29.88 12.35
CA ASP C 256 3.94 28.46 12.20
C ASP C 256 3.68 28.15 10.74
N ILE C 257 4.73 28.06 9.93
CA ILE C 257 4.53 27.81 8.50
C ILE C 257 3.94 26.44 8.17
N LEU C 258 3.91 25.55 9.14
CA LEU C 258 3.35 24.22 8.91
C LEU C 258 1.84 24.24 9.05
N GLU C 259 1.35 24.79 10.14
CA GLU C 259 -0.08 24.84 10.41
C GLU C 259 -0.79 26.10 9.93
N ASN C 260 -0.03 27.04 9.38
CA ASN C 260 -0.59 28.30 8.88
C ASN C 260 -1.39 29.11 9.89
N ASP C 261 -1.01 28.99 11.15
CA ASP C 261 -1.60 29.73 12.25
C ASP C 261 -0.40 30.48 12.80
N SER C 262 -0.60 31.64 13.39
CA SER C 262 0.51 32.36 13.95
C SER C 262 0.18 32.93 15.32
N LEU C 263 1.06 32.67 16.30
CA LEU C 263 0.89 33.15 17.66
C LEU C 263 1.31 34.62 17.75
N ALA C 264 0.53 35.42 18.47
CA ALA C 264 0.83 36.83 18.63
C ALA C 264 1.25 37.17 20.05
N LEU C 265 2.29 37.99 20.16
CA LEU C 265 2.82 38.44 21.42
C LEU C 265 2.71 39.95 21.37
N ALA C 266 1.69 40.50 22.02
CA ALA C 266 1.46 41.94 22.03
C ALA C 266 1.87 42.59 23.33
N ILE C 267 2.68 43.63 23.22
CA ILE C 267 3.19 44.40 24.36
C ILE C 267 2.97 45.89 24.07
N GLY C 268 2.14 46.55 24.88
CA GLY C 268 1.89 47.96 24.69
C GLY C 268 0.59 48.44 25.31
N ASN C 269 0.23 49.69 25.04
CA ASN C 269 -1.00 50.29 25.57
C ASN C 269 -2.18 49.81 24.75
N GLU C 270 -2.00 49.80 23.44
CA GLU C 270 -3.02 49.37 22.51
C GLU C 270 -3.02 47.86 22.33
N ALA C 271 -2.43 47.15 23.29
CA ALA C 271 -2.35 45.71 23.23
C ALA C 271 -3.74 45.07 23.19
N ALA C 272 -4.77 45.88 23.44
CA ALA C 272 -6.14 45.39 23.43
C ALA C 272 -6.70 45.49 22.02
N LYS C 273 -6.05 46.28 21.18
CA LYS C 273 -6.47 46.45 19.79
C LYS C 273 -6.23 45.17 18.99
N VAL C 274 -5.33 44.33 19.50
CA VAL C 274 -5.02 43.06 18.86
C VAL C 274 -6.18 42.14 19.19
N GLU C 275 -6.73 42.34 20.38
CA GLU C 275 -7.87 41.55 20.84
C GLU C 275 -9.14 41.89 20.05
N LYS C 276 -9.24 43.14 19.62
CA LYS C 276 -10.40 43.59 18.88
C LYS C 276 -10.32 43.15 17.41
N ALA C 277 -9.27 43.56 16.73
CA ALA C 277 -9.06 43.27 15.33
C ALA C 277 -8.98 41.79 14.96
N PHE C 278 -8.63 40.94 15.92
CA PHE C 278 -8.54 39.52 15.62
C PHE C 278 -9.57 38.72 16.38
N ASN C 279 -10.34 39.39 17.22
CA ASN C 279 -11.38 38.73 17.99
C ASN C 279 -10.77 37.61 18.83
N VAL C 280 -9.93 38.00 19.79
CA VAL C 280 -9.26 37.05 20.68
C VAL C 280 -9.11 37.59 22.10
N THR C 281 -8.59 36.73 22.98
CA THR C 281 -8.38 37.08 24.37
C THR C 281 -6.93 36.82 24.75
N LEU C 282 -6.15 37.88 24.91
CA LEU C 282 -4.75 37.74 25.27
C LEU C 282 -4.60 37.22 26.70
N GLU C 283 -3.89 36.11 26.85
CA GLU C 283 -3.64 35.51 28.16
C GLU C 283 -2.15 35.31 28.31
N ASN C 284 -1.49 36.28 28.95
CA ASN C 284 -0.04 36.26 29.16
C ASN C 284 0.57 37.00 27.97
N ASN C 285 -0.25 37.83 27.33
CA ASN C 285 0.12 38.62 26.17
C ASN C 285 0.23 37.77 24.91
N THR C 286 -0.21 36.51 25.03
CA THR C 286 -0.15 35.56 23.95
C THR C 286 -1.51 35.02 23.57
N ALA C 287 -1.89 35.23 22.31
CA ALA C 287 -3.16 34.74 21.79
C ALA C 287 -2.89 34.17 20.41
N LEU C 288 -3.54 33.05 20.09
CA LEU C 288 -3.36 32.40 18.80
C LEU C 288 -4.22 33.03 17.69
N LEU C 289 -3.56 33.61 16.69
CA LEU C 289 -4.27 34.22 15.57
C LEU C 289 -4.38 33.16 14.49
N LYS C 290 -5.48 32.42 14.47
CA LYS C 290 -5.68 31.36 13.49
C LYS C 290 -5.73 31.84 12.04
N GLY C 291 -5.12 31.05 11.16
CA GLY C 291 -5.14 31.37 9.74
C GLY C 291 -4.28 32.54 9.28
N VAL C 292 -3.77 33.33 10.21
CA VAL C 292 -2.96 34.49 9.85
C VAL C 292 -1.53 34.05 9.50
N VAL C 293 -1.09 34.39 8.30
CA VAL C 293 0.23 34.03 7.80
C VAL C 293 0.94 35.22 7.17
N SER C 294 0.17 36.19 6.70
CA SER C 294 0.74 37.39 6.09
C SER C 294 0.30 38.60 6.91
N ARG C 295 1.21 39.52 7.19
CA ARG C 295 0.86 40.69 7.98
C ARG C 295 0.43 41.86 7.11
N LYS C 296 0.88 41.85 5.86
CA LYS C 296 0.57 42.90 4.90
C LYS C 296 -0.88 42.79 4.43
N LYS C 297 -1.35 41.56 4.33
CA LYS C 297 -2.70 41.26 3.88
C LYS C 297 -3.68 40.93 5.01
N GLN C 298 -3.17 40.35 6.09
CA GLN C 298 -4.04 39.93 7.19
C GLN C 298 -3.90 40.62 8.55
N VAL C 299 -2.78 41.26 8.80
CA VAL C 299 -2.61 41.92 10.09
C VAL C 299 -2.82 43.43 9.99
N VAL C 300 -2.07 44.10 9.12
CA VAL C 300 -2.15 45.55 8.94
C VAL C 300 -3.53 46.12 8.60
N PRO C 301 -4.25 45.49 7.67
CA PRO C 301 -5.59 46.01 7.31
C PRO C 301 -6.66 45.86 8.40
N VAL C 302 -6.54 44.80 9.20
CA VAL C 302 -7.51 44.55 10.24
C VAL C 302 -7.21 45.34 11.53
N LEU C 303 -5.97 45.79 11.68
CA LEU C 303 -5.57 46.57 12.87
C LEU C 303 -5.71 48.07 12.61
N THR C 304 -5.68 48.45 11.33
CA THR C 304 -5.83 49.85 10.94
C THR C 304 -7.29 50.26 11.12
N ASP C 305 -8.18 49.31 10.87
CA ASP C 305 -9.62 49.51 10.99
C ASP C 305 -10.09 49.19 12.41
N ALA C 306 -9.13 49.01 13.32
CA ALA C 306 -9.45 48.72 14.71
C ALA C 306 -9.00 49.88 15.56
N MSE C 307 -8.02 50.62 15.05
CA MSE C 307 -7.46 51.79 15.72
C MSE C 307 -7.92 52.98 14.86
O MSE C 307 -7.12 53.64 14.20
CB MSE C 307 -5.93 51.68 15.78
CG MSE C 307 -5.46 50.27 16.24
SE MSE C 307 -3.59 49.99 16.76
CE MSE C 307 -2.87 51.71 16.33
N ALA C 308 -9.23 53.21 14.91
CA ALA C 308 -9.96 54.26 14.17
C ALA C 308 -9.34 55.66 14.10
N MSE D 1 -16.00 10.92 -11.80
CA MSE D 1 -14.78 11.36 -12.52
C MSE D 1 -15.08 12.38 -13.61
O MSE D 1 -15.88 12.10 -14.51
CB MSE D 1 -14.08 10.16 -13.15
CG MSE D 1 -13.52 9.16 -12.14
SE MSE D 1 -11.93 9.87 -11.00
CE MSE D 1 -11.43 11.49 -12.05
N GLU D 2 -14.44 13.54 -13.55
CA GLU D 2 -14.62 14.58 -14.57
C GLU D 2 -14.28 13.88 -15.89
N LYS D 3 -14.92 14.26 -17.00
CA LYS D 3 -14.59 13.58 -18.26
C LYS D 3 -13.36 14.16 -18.96
N ILE D 4 -12.55 13.25 -19.50
CA ILE D 4 -11.31 13.59 -20.18
C ILE D 4 -11.34 13.10 -21.62
N LEU D 5 -10.66 13.85 -22.48
CA LEU D 5 -10.56 13.51 -23.89
C LEU D 5 -9.10 13.17 -24.21
N ILE D 6 -8.87 11.98 -24.75
CA ILE D 6 -7.51 11.54 -25.11
C ILE D 6 -7.39 11.47 -26.64
N PHE D 7 -6.37 12.10 -27.19
CA PHE D 7 -6.20 12.09 -28.65
C PHE D 7 -4.76 12.41 -29.10
N GLY D 8 -4.43 11.98 -30.32
CA GLY D 8 -3.11 12.23 -30.88
C GLY D 8 -3.11 13.46 -31.77
N HIS D 9 -2.13 13.57 -32.66
CA HIS D 9 -2.04 14.73 -33.55
C HIS D 9 -2.97 14.70 -34.75
N GLN D 10 -2.92 15.78 -35.54
CA GLN D 10 -3.72 15.90 -36.76
C GLN D 10 -3.09 15.03 -37.83
N ASN D 11 -3.82 14.78 -38.93
CA ASN D 11 -3.28 13.91 -39.97
C ASN D 11 -2.83 12.66 -39.23
N PRO D 12 -3.76 12.03 -38.50
CA PRO D 12 -3.55 10.82 -37.69
C PRO D 12 -2.86 9.61 -38.26
N ASP D 13 -1.79 9.19 -37.59
CA ASP D 13 -1.05 8.01 -37.97
C ASP D 13 -1.61 6.87 -37.10
N THR D 14 -1.20 5.64 -37.37
CA THR D 14 -1.70 4.50 -36.60
C THR D 14 -1.36 4.62 -35.11
N ASP D 15 -0.28 5.33 -34.80
CA ASP D 15 0.12 5.52 -33.41
C ASP D 15 -0.90 6.43 -32.75
N THR D 16 -1.13 7.59 -33.36
CA THR D 16 -2.07 8.57 -32.85
C THR D 16 -3.44 7.99 -32.60
N ILE D 17 -3.87 7.05 -33.45
CA ILE D 17 -5.18 6.46 -33.26
C ILE D 17 -5.15 5.35 -32.23
N CYS D 18 -4.29 4.36 -32.43
CA CYS D 18 -4.22 3.26 -31.48
C CYS D 18 -3.82 3.63 -30.05
N SER D 19 -2.76 4.43 -29.91
CA SER D 19 -2.33 4.82 -28.59
C SER D 19 -3.41 5.55 -27.82
N ALA D 20 -4.18 6.37 -28.51
CA ALA D 20 -5.27 7.10 -27.86
C ALA D 20 -6.28 6.09 -27.30
N ILE D 21 -6.66 5.13 -28.12
CA ILE D 21 -7.60 4.11 -27.69
C ILE D 21 -6.99 3.30 -26.56
N ALA D 22 -5.73 2.92 -26.72
CA ALA D 22 -5.00 2.12 -25.72
C ALA D 22 -4.93 2.78 -24.36
N TYR D 23 -4.45 4.01 -24.34
CA TYR D 23 -4.31 4.70 -23.07
C TYR D 23 -5.67 5.01 -22.42
N ALA D 24 -6.67 5.29 -23.25
CA ALA D 24 -8.01 5.57 -22.73
C ALA D 24 -8.44 4.35 -21.94
N ASP D 25 -8.15 3.17 -22.48
CA ASP D 25 -8.51 1.94 -21.79
C ASP D 25 -7.79 1.88 -20.44
N LEU D 26 -6.47 1.99 -20.48
CA LEU D 26 -5.67 1.94 -19.26
C LEU D 26 -6.24 2.91 -18.23
N LYS D 27 -6.48 4.13 -18.66
CA LYS D 27 -7.03 5.16 -17.80
C LYS D 27 -8.34 4.72 -17.18
N ASN D 28 -9.26 4.26 -18.01
CA ASN D 28 -10.54 3.83 -17.49
C ASN D 28 -10.38 2.68 -16.51
N LYS D 29 -9.52 1.71 -16.83
CA LYS D 29 -9.31 0.58 -15.92
C LYS D 29 -8.75 1.05 -14.57
N LEU D 30 -8.22 2.26 -14.54
CA LEU D 30 -7.69 2.78 -13.29
C LEU D 30 -8.70 3.71 -12.60
N GLY D 31 -9.95 3.67 -13.05
CA GLY D 31 -11.01 4.46 -12.44
C GLY D 31 -11.29 5.86 -12.95
N PHE D 32 -10.89 6.15 -14.18
CA PHE D 32 -11.17 7.47 -14.69
C PHE D 32 -12.24 7.42 -15.76
N ASN D 33 -12.60 8.60 -16.28
CA ASN D 33 -13.61 8.71 -17.30
C ASN D 33 -12.97 9.29 -18.57
N ALA D 34 -12.35 8.42 -19.36
CA ALA D 34 -11.69 8.88 -20.57
C ALA D 34 -12.25 8.30 -21.85
N GLU D 35 -12.19 9.08 -22.92
CA GLU D 35 -12.70 8.67 -24.22
C GLU D 35 -11.68 8.96 -25.34
N PRO D 36 -11.36 7.94 -26.15
CA PRO D 36 -10.41 8.09 -27.26
C PRO D 36 -11.05 8.95 -28.33
N VAL D 37 -10.28 9.89 -28.89
CA VAL D 37 -10.79 10.76 -29.92
C VAL D 37 -9.74 11.04 -31.01
N ARG D 38 -10.19 11.22 -32.24
CA ARG D 38 -9.29 11.52 -33.36
C ARG D 38 -9.56 12.92 -33.86
N LEU D 39 -8.58 13.53 -34.53
CA LEU D 39 -8.75 14.90 -35.04
C LEU D 39 -8.78 14.94 -36.57
N GLY D 40 -8.82 13.78 -37.20
CA GLY D 40 -8.84 13.71 -38.65
C GLY D 40 -9.29 12.36 -39.19
N GLN D 41 -9.09 12.15 -40.48
CA GLN D 41 -9.48 10.90 -41.15
C GLN D 41 -8.55 9.75 -40.85
N VAL D 42 -9.13 8.56 -40.67
CA VAL D 42 -8.34 7.37 -40.41
C VAL D 42 -7.84 6.82 -41.75
N ASN D 43 -6.52 6.72 -41.94
CA ASN D 43 -5.99 6.19 -43.20
C ASN D 43 -6.08 4.67 -43.29
N GLY D 44 -5.88 4.15 -44.49
CA GLY D 44 -5.95 2.71 -44.74
C GLY D 44 -5.15 1.83 -43.80
N GLU D 45 -3.92 2.27 -43.49
CA GLU D 45 -3.06 1.49 -42.60
C GLU D 45 -3.76 1.31 -41.26
N THR D 46 -4.18 2.44 -40.68
CA THR D 46 -4.86 2.44 -39.41
C THR D 46 -6.08 1.53 -39.50
N GLN D 47 -6.88 1.76 -40.54
CA GLN D 47 -8.09 0.98 -40.78
C GLN D 47 -7.86 -0.53 -40.63
N TYR D 48 -6.99 -1.07 -41.49
CA TYR D 48 -6.69 -2.49 -41.46
C TYR D 48 -6.55 -3.01 -40.05
N ALA D 49 -5.85 -2.25 -39.20
CA ALA D 49 -5.63 -2.65 -37.81
C ALA D 49 -6.90 -2.57 -36.95
N LEU D 50 -7.68 -1.51 -37.16
CA LEU D 50 -8.93 -1.32 -36.43
C LEU D 50 -9.89 -2.45 -36.77
N ASP D 51 -9.99 -2.76 -38.05
CA ASP D 51 -10.87 -3.82 -38.52
C ASP D 51 -10.37 -5.17 -38.06
N TYR D 52 -9.09 -5.45 -38.30
CA TYR D 52 -8.52 -6.73 -37.91
C TYR D 52 -8.79 -7.07 -36.45
N PHE D 53 -8.72 -6.07 -35.58
CA PHE D 53 -8.96 -6.35 -34.17
C PHE D 53 -10.31 -5.91 -33.68
N LYS D 54 -11.28 -5.84 -34.59
CA LYS D 54 -12.66 -5.47 -34.27
C LYS D 54 -12.73 -4.30 -33.29
N GLN D 55 -12.23 -3.15 -33.71
CA GLN D 55 -12.24 -1.97 -32.86
C GLN D 55 -12.87 -0.78 -33.55
N GLU D 56 -13.76 -0.12 -32.82
CA GLU D 56 -14.48 1.03 -33.34
C GLU D 56 -13.56 2.22 -33.58
N SER D 57 -13.75 2.90 -34.71
CA SER D 57 -12.95 4.07 -35.04
C SER D 57 -13.25 5.20 -34.05
N PRO D 58 -12.24 5.66 -33.29
CA PRO D 58 -12.46 6.74 -32.33
C PRO D 58 -13.22 7.91 -32.95
N ARG D 59 -14.11 8.47 -32.13
CA ARG D 59 -14.96 9.58 -32.54
C ARG D 59 -14.20 10.80 -33.09
N LEU D 60 -14.65 11.36 -34.21
CA LEU D 60 -14.00 12.54 -34.76
C LEU D 60 -14.39 13.78 -33.94
N VAL D 61 -13.45 14.70 -33.77
CA VAL D 61 -13.69 15.89 -32.99
C VAL D 61 -12.98 17.10 -33.61
N GLU D 62 -13.60 18.27 -33.46
CA GLU D 62 -13.06 19.51 -34.01
C GLU D 62 -12.54 20.45 -32.94
N THR D 63 -13.13 20.33 -31.76
CA THR D 63 -12.78 21.15 -30.60
C THR D 63 -13.02 20.36 -29.30
N ALA D 64 -12.34 20.75 -28.23
CA ALA D 64 -12.51 20.03 -26.97
C ALA D 64 -13.07 20.92 -25.85
N ALA D 65 -12.76 22.20 -25.91
CA ALA D 65 -13.21 23.14 -24.89
C ALA D 65 -14.69 22.98 -24.55
N ASN D 66 -15.51 22.77 -25.58
CA ASN D 66 -16.94 22.60 -25.42
C ASN D 66 -17.37 21.30 -24.73
N GLU D 67 -16.48 20.34 -24.67
CA GLU D 67 -16.84 19.06 -24.04
C GLU D 67 -16.20 18.79 -22.69
N VAL D 68 -14.94 19.20 -22.54
CA VAL D 68 -14.21 18.96 -21.32
C VAL D 68 -13.37 20.15 -20.89
N ASN D 69 -12.70 19.99 -19.76
CA ASN D 69 -11.85 21.05 -19.23
C ASN D 69 -10.40 20.59 -19.29
N GLY D 70 -10.24 19.27 -19.32
CA GLY D 70 -8.92 18.67 -19.40
C GLY D 70 -8.78 17.58 -20.46
N VAL D 71 -7.63 17.55 -21.13
CA VAL D 71 -7.35 16.58 -22.17
C VAL D 71 -6.00 15.92 -21.93
N ILE D 72 -5.78 14.78 -22.60
CA ILE D 72 -4.51 14.05 -22.51
C ILE D 72 -3.99 13.87 -23.94
N LEU D 73 -2.77 14.34 -24.20
CA LEU D 73 -2.15 14.23 -25.52
C LEU D 73 -1.27 13.01 -25.65
N VAL D 74 -1.38 12.30 -26.77
CA VAL D 74 -0.53 11.14 -27.02
C VAL D 74 0.10 11.33 -28.40
N ASP D 75 1.34 10.85 -28.53
CA ASP D 75 2.10 10.92 -29.76
C ASP D 75 2.43 12.33 -30.23
N HIS D 76 2.31 13.34 -29.39
CA HIS D 76 2.66 14.68 -29.83
C HIS D 76 2.61 15.73 -28.73
N ASN D 77 3.10 16.93 -29.03
CA ASN D 77 3.02 17.98 -28.04
C ASN D 77 3.05 19.37 -28.64
N GLU D 78 3.58 19.52 -29.85
CA GLU D 78 3.61 20.83 -30.46
C GLU D 78 2.19 21.32 -30.80
N ARG D 79 1.89 22.58 -30.47
CA ARG D 79 0.56 23.17 -30.70
C ARG D 79 -0.03 22.93 -32.09
N GLN D 80 0.72 23.31 -33.11
CA GLN D 80 0.24 23.16 -34.47
C GLN D 80 -0.28 21.75 -34.77
N GLN D 81 0.36 20.76 -34.17
CA GLN D 81 -0.04 19.37 -34.40
C GLN D 81 -1.23 18.95 -33.57
N SER D 82 -1.55 19.76 -32.57
CA SER D 82 -2.65 19.44 -31.68
C SER D 82 -3.99 20.00 -32.15
N ILE D 83 -5.04 19.74 -31.36
CA ILE D 83 -6.39 20.21 -31.65
C ILE D 83 -6.42 21.70 -31.92
N LYS D 84 -7.52 22.17 -32.49
CA LYS D 84 -7.64 23.58 -32.84
C LYS D 84 -7.69 24.49 -31.61
N ASP D 85 -8.61 24.20 -30.70
CA ASP D 85 -8.77 25.01 -29.50
C ASP D 85 -7.96 24.50 -28.31
N ILE D 86 -6.75 23.99 -28.58
CA ILE D 86 -5.89 23.46 -27.53
C ILE D 86 -5.53 24.52 -26.48
N GLU D 87 -5.46 25.77 -26.91
CA GLU D 87 -5.11 26.84 -26.00
C GLU D 87 -6.18 26.98 -24.93
N GLU D 88 -7.39 26.52 -25.24
CA GLU D 88 -8.52 26.65 -24.32
C GLU D 88 -8.83 25.51 -23.38
N VAL D 89 -7.95 24.52 -23.28
CA VAL D 89 -8.17 23.43 -22.35
C VAL D 89 -6.88 23.15 -21.60
N GLN D 90 -6.97 22.33 -20.56
CA GLN D 90 -5.78 22.00 -19.78
C GLN D 90 -5.18 20.67 -20.16
N VAL D 91 -3.91 20.67 -20.54
CA VAL D 91 -3.25 19.42 -20.88
C VAL D 91 -2.91 18.70 -19.57
N LEU D 92 -3.70 17.69 -19.22
CA LEU D 92 -3.50 16.92 -17.99
C LEU D 92 -2.24 16.10 -18.00
N GLU D 93 -1.94 15.50 -19.14
CA GLU D 93 -0.74 14.70 -19.31
C GLU D 93 -0.42 14.48 -20.78
N VAL D 94 0.82 14.10 -21.05
CA VAL D 94 1.28 13.87 -22.39
C VAL D 94 2.14 12.62 -22.40
N ILE D 95 1.82 11.70 -23.30
CA ILE D 95 2.61 10.48 -23.44
C ILE D 95 3.13 10.58 -24.87
N ASP D 96 4.43 10.81 -25.01
CA ASP D 96 4.97 11.04 -26.35
C ASP D 96 6.37 10.51 -26.56
N HIS D 97 6.89 10.66 -27.78
CA HIS D 97 8.22 10.19 -28.10
C HIS D 97 8.96 11.07 -29.10
N HIS D 98 8.64 12.36 -29.14
CA HIS D 98 9.29 13.29 -30.06
C HIS D 98 9.94 14.43 -29.29
N ARG D 99 10.58 15.34 -30.02
CA ARG D 99 11.24 16.47 -29.38
C ARG D 99 10.16 17.26 -28.70
N ILE D 100 10.54 18.19 -27.82
CA ILE D 100 9.57 19.02 -27.15
C ILE D 100 9.69 20.43 -27.67
N ALA D 101 8.61 20.98 -28.21
CA ALA D 101 8.67 22.32 -28.74
C ALA D 101 7.28 22.88 -28.92
N ASN D 102 7.17 24.21 -28.97
CA ASN D 102 5.88 24.85 -29.15
C ASN D 102 4.88 24.19 -28.20
N PHE D 103 5.32 24.00 -26.97
CA PHE D 103 4.51 23.41 -25.94
C PHE D 103 4.87 24.09 -24.64
N GLU D 104 3.89 24.28 -23.79
CA GLU D 104 4.11 24.99 -22.56
C GLU D 104 2.88 24.79 -21.71
N THR D 105 3.07 24.73 -20.40
CA THR D 105 1.94 24.53 -19.49
C THR D 105 2.02 25.55 -18.36
N ALA D 106 0.85 25.97 -17.88
CA ALA D 106 0.78 26.96 -16.81
C ALA D 106 0.85 26.27 -15.46
N GLU D 107 0.44 25.01 -15.44
CA GLU D 107 0.41 24.19 -14.25
C GLU D 107 1.26 22.93 -14.44
N PRO D 108 1.54 22.22 -13.36
CA PRO D 108 2.34 21.00 -13.49
C PRO D 108 1.47 19.97 -14.22
N LEU D 109 2.06 18.86 -14.62
CA LEU D 109 1.31 17.82 -15.31
C LEU D 109 2.14 16.56 -15.41
N TYR D 110 1.51 15.49 -15.86
CA TYR D 110 2.19 14.22 -16.02
C TYR D 110 2.75 14.13 -17.42
N TYR D 111 3.98 14.57 -17.62
CA TYR D 111 4.60 14.50 -18.94
C TYR D 111 5.56 13.32 -18.94
N ARG D 112 5.38 12.41 -19.88
CA ARG D 112 6.23 11.25 -19.97
C ARG D 112 6.64 10.93 -21.40
N ALA D 113 7.83 11.35 -21.78
CA ALA D 113 8.34 11.11 -23.10
C ALA D 113 9.57 10.23 -23.00
N GLU D 114 9.72 9.31 -23.95
CA GLU D 114 10.88 8.43 -23.95
C GLU D 114 11.46 8.40 -25.35
N PRO D 115 12.79 8.19 -25.46
CA PRO D 115 13.52 8.13 -26.72
C PRO D 115 13.31 6.84 -27.48
N VAL D 116 12.06 6.41 -27.60
CA VAL D 116 11.76 5.19 -28.31
C VAL D 116 11.07 5.53 -29.62
N GLY D 117 10.81 4.53 -30.46
CA GLY D 117 10.21 4.76 -31.75
C GLY D 117 8.70 4.79 -31.86
N CYS D 118 8.01 4.59 -30.74
CA CYS D 118 6.56 4.60 -30.80
C CYS D 118 5.93 4.83 -29.44
N THR D 119 4.85 5.60 -29.41
CA THR D 119 4.13 5.91 -28.19
C THR D 119 3.65 4.66 -27.47
N ALA D 120 3.23 3.65 -28.22
CA ALA D 120 2.74 2.41 -27.64
C ALA D 120 3.76 1.70 -26.77
N THR D 121 5.03 1.76 -27.17
CA THR D 121 6.09 1.13 -26.40
C THR D 121 6.08 1.62 -24.97
N ILE D 122 5.80 2.91 -24.82
CA ILE D 122 5.76 3.53 -23.51
C ILE D 122 4.53 3.04 -22.76
N LEU D 123 3.36 3.11 -23.40
CA LEU D 123 2.12 2.67 -22.75
C LEU D 123 2.32 1.25 -22.20
N ASN D 124 2.87 0.37 -23.04
CA ASN D 124 3.12 -1.00 -22.63
C ASN D 124 3.87 -1.05 -21.30
N LYS D 125 4.81 -0.12 -21.09
CA LYS D 125 5.53 -0.10 -19.81
C LYS D 125 4.54 0.28 -18.72
N MSE D 126 3.74 1.30 -19.02
CA MSE D 126 2.75 1.81 -18.11
C MSE D 126 1.68 0.80 -17.68
O MSE D 126 1.19 0.86 -16.55
CB MSE D 126 2.11 3.06 -18.71
CG MSE D 126 3.12 4.17 -18.86
SE MSE D 126 2.44 5.78 -19.56
CE MSE D 126 1.51 6.44 -18.05
N TYR D 127 1.32 -0.11 -18.57
CA TYR D 127 0.33 -1.12 -18.22
C TYR D 127 0.94 -1.98 -17.12
N LYS D 128 2.16 -2.44 -17.34
CA LYS D 128 2.83 -3.29 -16.36
C LYS D 128 3.12 -2.53 -15.10
N GLU D 129 3.47 -1.26 -15.23
CA GLU D 129 3.80 -0.46 -14.07
C GLU D 129 2.59 -0.35 -13.15
N ASN D 130 1.41 -0.27 -13.74
CA ASN D 130 0.16 -0.16 -12.98
C ASN D 130 -0.50 -1.52 -12.79
N ASN D 131 0.19 -2.56 -13.23
CA ASN D 131 -0.33 -3.91 -13.14
C ASN D 131 -1.79 -3.95 -13.60
N VAL D 132 -1.97 -3.89 -14.90
CA VAL D 132 -3.30 -3.93 -15.50
C VAL D 132 -3.14 -4.88 -16.68
N LYS D 133 -3.94 -5.93 -16.71
CA LYS D 133 -3.86 -6.89 -17.80
C LYS D 133 -4.27 -6.21 -19.10
N ILE D 134 -3.55 -6.52 -20.17
CA ILE D 134 -3.83 -5.95 -21.49
C ILE D 134 -4.78 -6.85 -22.31
N GLU D 135 -5.96 -6.32 -22.64
CA GLU D 135 -6.93 -7.07 -23.41
C GLU D 135 -6.36 -7.42 -24.79
N LYS D 136 -6.52 -8.68 -25.18
CA LYS D 136 -6.05 -9.17 -26.48
C LYS D 136 -6.38 -8.13 -27.54
N GLU D 137 -7.62 -7.70 -27.55
CA GLU D 137 -8.11 -6.70 -28.52
C GLU D 137 -7.18 -5.49 -28.70
N ILE D 138 -6.91 -4.76 -27.62
CA ILE D 138 -6.06 -3.57 -27.69
C ILE D 138 -4.58 -3.87 -27.89
N ALA D 139 -4.07 -4.93 -27.29
CA ALA D 139 -2.67 -5.30 -27.48
C ALA D 139 -2.36 -5.25 -28.97
N GLY D 140 -3.31 -5.69 -29.78
CA GLY D 140 -3.14 -5.70 -31.22
C GLY D 140 -2.98 -4.30 -31.77
N LEU D 141 -3.79 -3.36 -31.29
CA LEU D 141 -3.71 -1.98 -31.72
C LEU D 141 -2.34 -1.40 -31.39
N MSE D 142 -1.83 -1.78 -30.21
CA MSE D 142 -0.52 -1.30 -29.77
C MSE D 142 0.53 -1.87 -30.67
O MSE D 142 1.39 -1.15 -31.20
CB MSE D 142 -0.29 -1.72 -28.31
CG MSE D 142 -1.25 -1.03 -27.33
SE MSE D 142 -0.89 -1.35 -25.46
CE MSE D 142 -2.41 -2.44 -25.05
N LEU D 143 0.46 -3.19 -30.88
CA LEU D 143 1.40 -3.88 -31.75
C LEU D 143 1.33 -3.23 -33.13
N SER D 144 0.12 -2.89 -33.57
CA SER D 144 -0.06 -2.23 -34.87
C SER D 144 0.74 -0.93 -34.87
N ALA D 145 0.47 -0.06 -33.88
CA ALA D 145 1.17 1.22 -33.76
C ALA D 145 2.70 1.05 -33.82
N ILE D 146 3.25 0.10 -33.06
CA ILE D 146 4.70 -0.10 -33.11
C ILE D 146 5.15 -0.45 -34.52
N ILE D 147 4.52 -1.46 -35.11
CA ILE D 147 4.85 -1.87 -36.47
C ILE D 147 4.81 -0.61 -37.37
N SER D 148 3.69 0.11 -37.32
CA SER D 148 3.50 1.31 -38.12
C SER D 148 4.63 2.34 -37.99
N ASP D 149 4.95 2.73 -36.74
CA ASP D 149 5.99 3.72 -36.51
C ASP D 149 7.40 3.21 -36.82
N SER D 150 7.66 1.92 -36.61
CA SER D 150 8.99 1.39 -36.85
C SER D 150 9.18 0.76 -38.23
N LEU D 151 8.17 0.90 -39.10
CA LEU D 151 8.26 0.32 -40.44
C LEU D 151 8.76 -1.10 -40.33
N LEU D 152 8.08 -1.85 -39.46
CA LEU D 152 8.42 -3.23 -39.19
C LEU D 152 9.85 -3.39 -38.66
N PHE D 153 10.19 -2.57 -37.66
CA PHE D 153 11.50 -2.61 -37.00
C PHE D 153 12.66 -2.20 -37.88
N LYS D 154 12.36 -1.70 -39.08
CA LYS D 154 13.40 -1.28 -40.01
C LYS D 154 13.73 0.20 -39.89
N SER D 155 12.87 0.96 -39.22
CA SER D 155 13.08 2.39 -39.04
C SER D 155 14.35 2.74 -38.26
N PRO D 156 14.99 3.85 -38.62
CA PRO D 156 16.21 4.30 -37.95
C PRO D 156 15.98 4.68 -36.49
N THR D 157 14.72 4.95 -36.16
CA THR D 157 14.30 5.35 -34.83
C THR D 157 13.87 4.17 -33.96
N CYS D 158 13.65 3.03 -34.58
CA CYS D 158 13.23 1.84 -33.85
C CYS D 158 14.24 1.52 -32.75
N THR D 159 13.77 0.94 -31.67
CA THR D 159 14.63 0.62 -30.54
C THR D 159 14.43 -0.77 -30.03
N ASP D 160 15.43 -1.26 -29.31
CA ASP D 160 15.38 -2.59 -28.73
C ASP D 160 14.14 -2.72 -27.85
N GLN D 161 13.70 -1.60 -27.29
CA GLN D 161 12.54 -1.59 -26.41
C GLN D 161 11.27 -1.74 -27.23
N ASP D 162 11.26 -1.09 -28.38
CA ASP D 162 10.12 -1.14 -29.27
C ASP D 162 9.95 -2.58 -29.73
N VAL D 163 11.06 -3.20 -30.12
CA VAL D 163 11.06 -4.59 -30.59
C VAL D 163 10.64 -5.58 -29.53
N ALA D 164 11.17 -5.42 -28.33
CA ALA D 164 10.81 -6.34 -27.26
C ALA D 164 9.35 -6.16 -26.88
N ALA D 165 8.87 -4.93 -26.98
CA ALA D 165 7.48 -4.59 -26.67
C ALA D 165 6.55 -5.18 -27.72
N ALA D 166 6.95 -5.07 -28.98
CA ALA D 166 6.14 -5.60 -30.06
C ALA D 166 6.01 -7.10 -29.89
N LYS D 167 7.12 -7.77 -29.61
CA LYS D 167 7.12 -9.22 -29.42
C LYS D 167 6.13 -9.65 -28.36
N GLU D 168 6.21 -8.96 -27.23
CA GLU D 168 5.37 -9.21 -26.09
C GLU D 168 3.89 -8.99 -26.40
N LEU D 169 3.59 -7.88 -27.07
CA LEU D 169 2.20 -7.55 -27.44
C LEU D 169 1.64 -8.51 -28.49
N ALA D 170 2.44 -8.81 -29.52
CA ALA D 170 2.02 -9.72 -30.58
C ALA D 170 1.58 -11.08 -30.03
N GLU D 171 2.22 -11.53 -28.94
CA GLU D 171 1.83 -12.80 -28.36
C GLU D 171 0.45 -12.69 -27.73
N ILE D 172 0.30 -11.67 -26.90
CA ILE D 172 -0.96 -11.44 -26.23
C ILE D 172 -2.11 -11.31 -27.24
N ALA D 173 -1.88 -10.55 -28.32
CA ALA D 173 -2.88 -10.33 -29.35
C ALA D 173 -3.05 -11.57 -30.22
N GLY D 174 -2.23 -12.59 -29.94
CA GLY D 174 -2.28 -13.81 -30.71
C GLY D 174 -2.06 -13.64 -32.19
N VAL D 175 -0.92 -13.07 -32.56
CA VAL D 175 -0.59 -12.84 -33.97
C VAL D 175 0.91 -12.98 -34.18
N ASP D 176 1.34 -12.90 -35.43
CA ASP D 176 2.75 -12.99 -35.77
C ASP D 176 3.20 -11.59 -36.16
N ALA D 177 4.02 -10.99 -35.30
CA ALA D 177 4.52 -9.65 -35.49
C ALA D 177 4.75 -9.31 -36.97
N GLU D 178 5.79 -9.88 -37.56
CA GLU D 178 6.13 -9.60 -38.95
C GLU D 178 5.07 -10.00 -39.97
N GLU D 179 4.37 -11.09 -39.72
CA GLU D 179 3.34 -11.53 -40.66
C GLU D 179 2.22 -10.49 -40.74
N TYR D 180 1.57 -10.24 -39.61
CA TYR D 180 0.47 -9.25 -39.53
C TYR D 180 0.96 -7.88 -39.97
N GLY D 181 2.15 -7.52 -39.49
CA GLY D 181 2.76 -6.25 -39.80
C GLY D 181 2.80 -5.96 -41.28
N LEU D 182 3.36 -6.88 -42.05
CA LEU D 182 3.46 -6.72 -43.50
C LEU D 182 2.10 -6.42 -44.11
N ASN D 183 1.10 -7.22 -43.75
CA ASN D 183 -0.25 -7.03 -44.28
C ASN D 183 -0.73 -5.61 -44.00
N MSE D 184 -0.66 -5.22 -42.73
CA MSE D 184 -1.08 -3.89 -42.33
C MSE D 184 -0.33 -2.84 -43.13
O MSE D 184 -0.95 -1.99 -43.78
CB MSE D 184 -0.80 -3.69 -40.84
CG MSE D 184 -1.25 -2.33 -40.33
SE MSE D 184 -0.66 -1.92 -38.58
CE MSE D 184 1.12 -1.31 -39.04
N LEU D 185 1.00 -2.90 -43.08
CA LEU D 185 1.84 -1.95 -43.81
C LEU D 185 1.38 -1.85 -45.26
N LYS D 186 1.11 -3.01 -45.86
CA LYS D 186 0.68 -3.08 -47.27
C LYS D 186 -0.62 -2.32 -47.50
N ALA D 187 -1.59 -2.55 -46.62
CA ALA D 187 -2.88 -1.88 -46.73
C ALA D 187 -2.69 -0.37 -46.74
N GLY D 188 -1.44 0.06 -46.54
CA GLY D 188 -1.12 1.47 -46.54
C GLY D 188 -1.60 2.13 -47.81
N ALA D 189 -0.95 1.83 -48.93
CA ALA D 189 -1.34 2.42 -50.22
C ALA D 189 -2.23 1.54 -51.11
N ASP D 190 -2.49 0.31 -50.65
CA ASP D 190 -3.34 -0.65 -51.38
C ASP D 190 -3.00 -0.68 -52.87
N LEU D 191 -1.71 -0.51 -53.19
CA LEU D 191 -1.25 -0.52 -54.58
C LEU D 191 -1.78 -1.73 -55.33
N SER D 192 -2.03 -2.82 -54.60
CA SER D 192 -2.53 -4.05 -55.21
C SER D 192 -3.91 -3.88 -55.87
N LYS D 193 -4.17 -2.66 -56.35
CA LYS D 193 -5.42 -2.31 -57.04
C LYS D 193 -5.26 -1.08 -57.94
N ILE D 216 9.94 12.56 -64.51
CA ILE D 216 10.50 11.68 -63.46
C ILE D 216 9.43 11.24 -62.41
N ALA D 217 8.95 10.01 -62.54
CA ALA D 217 7.92 9.49 -61.63
C ALA D 217 8.51 8.84 -60.37
N GLN D 218 7.60 8.45 -59.48
CA GLN D 218 7.97 7.79 -58.22
C GLN D 218 6.75 7.19 -57.52
N VAL D 219 6.82 5.89 -57.28
CA VAL D 219 5.77 5.17 -56.58
C VAL D 219 6.38 4.89 -55.21
N ASN D 220 5.63 4.27 -54.32
CA ASN D 220 6.14 3.97 -52.98
C ASN D 220 5.54 2.69 -52.45
N THR D 221 6.36 1.67 -52.22
CA THR D 221 5.83 0.42 -51.70
C THR D 221 6.63 -0.26 -50.62
N VAL D 222 5.92 -1.13 -49.91
CA VAL D 222 6.46 -1.93 -48.84
C VAL D 222 7.19 -3.12 -49.45
N ASP D 223 6.60 -3.69 -50.50
CA ASP D 223 7.22 -4.83 -51.18
C ASP D 223 7.30 -4.57 -52.68
N ILE D 224 8.53 -4.53 -53.19
CA ILE D 224 8.74 -4.29 -54.61
C ILE D 224 8.23 -5.51 -55.36
N GLU D 225 8.23 -6.67 -54.70
CA GLU D 225 7.72 -7.89 -55.32
C GLU D 225 6.30 -7.57 -55.80
N ASP D 226 5.41 -7.21 -54.86
CA ASP D 226 4.00 -6.85 -55.14
C ASP D 226 3.91 -6.07 -56.50
N VAL D 227 5.00 -5.35 -56.83
CA VAL D 227 5.11 -4.60 -58.09
C VAL D 227 6.37 -4.98 -58.86
N LEU D 252 10.05 7.11 -63.27
CA LEU D 252 9.54 6.12 -62.32
C LEU D 252 10.68 5.39 -61.62
N VAL D 253 10.60 5.29 -60.29
CA VAL D 253 11.64 4.63 -59.51
C VAL D 253 11.09 3.89 -58.29
N ILE D 254 10.40 2.77 -58.52
CA ILE D 254 9.82 1.99 -57.41
C ILE D 254 10.70 2.01 -56.15
N THR D 255 10.29 2.83 -55.17
CA THR D 255 11.01 2.97 -53.90
C THR D 255 10.44 2.03 -52.83
N ASP D 256 11.34 1.33 -52.15
CA ASP D 256 10.97 0.42 -51.09
C ASP D 256 11.12 1.14 -49.76
N ILE D 257 10.00 1.41 -49.10
CA ILE D 257 10.00 2.11 -47.81
C ILE D 257 10.75 1.40 -46.68
N LEU D 258 10.93 0.08 -46.80
CA LEU D 258 11.61 -0.70 -45.77
C LEU D 258 13.14 -0.76 -45.88
N GLU D 259 13.63 -1.23 -47.02
CA GLU D 259 15.07 -1.38 -47.23
C GLU D 259 15.74 -0.13 -47.79
N ASN D 260 14.96 0.94 -47.95
CA ASN D 260 15.45 2.22 -48.48
C ASN D 260 16.24 2.13 -49.78
N ASP D 261 15.70 1.39 -50.74
CA ASP D 261 16.32 1.22 -52.05
C ASP D 261 15.25 1.36 -53.11
N SER D 262 15.41 2.35 -53.98
CA SER D 262 14.45 2.59 -55.04
C SER D 262 14.65 1.66 -56.22
N VAL D 293 16.31 7.19 -52.30
CA VAL D 293 14.98 7.17 -51.69
C VAL D 293 14.18 8.46 -51.90
N SER D 294 14.87 9.55 -52.21
CA SER D 294 14.20 10.84 -52.42
C SER D 294 14.81 11.61 -53.59
N ARG D 295 14.18 11.52 -54.76
CA ARG D 295 14.69 12.23 -55.93
C ARG D 295 14.89 13.71 -55.63
N LYS D 296 14.19 14.20 -54.62
CA LYS D 296 14.27 15.60 -54.21
C LYS D 296 15.70 16.02 -53.86
N LYS D 297 16.22 15.48 -52.77
CA LYS D 297 17.57 15.77 -52.28
C LYS D 297 18.65 14.89 -52.90
N GLN D 298 18.27 13.71 -53.36
CA GLN D 298 19.24 12.78 -53.93
C GLN D 298 19.19 12.58 -55.44
N VAL D 299 18.17 11.86 -55.91
CA VAL D 299 18.00 11.52 -57.32
C VAL D 299 18.00 12.65 -58.34
N VAL D 300 17.37 13.78 -58.04
CA VAL D 300 17.32 14.89 -58.99
C VAL D 300 18.59 15.75 -59.08
N PRO D 301 19.11 16.24 -57.93
CA PRO D 301 20.32 17.07 -57.98
C PRO D 301 21.57 16.32 -58.51
N VAL D 302 21.67 15.04 -58.17
CA VAL D 302 22.81 14.23 -58.61
C VAL D 302 22.67 13.91 -60.11
N LEU D 303 21.42 13.82 -60.58
CA LEU D 303 21.13 13.54 -61.99
C LEU D 303 21.25 14.81 -62.82
N THR D 304 21.32 15.96 -62.14
CA THR D 304 21.44 17.28 -62.80
C THR D 304 22.86 17.53 -63.34
N ASP D 305 23.84 17.63 -62.46
CA ASP D 305 25.20 17.83 -62.96
C ASP D 305 25.84 16.46 -63.21
N ALA D 306 25.02 15.57 -63.76
CA ALA D 306 25.40 14.21 -64.14
C ALA D 306 25.07 14.24 -65.64
N MSE D 307 23.77 14.08 -65.95
CA MSE D 307 23.25 14.23 -67.34
C MSE D 307 23.11 15.80 -67.47
O MSE D 307 23.66 16.42 -68.45
CB MSE D 307 21.86 13.49 -67.56
CG MSE D 307 20.67 13.92 -66.69
SE MSE D 307 18.61 13.33 -67.37
CE MSE D 307 17.80 15.34 -66.84
MN MN E . -11.30 -2.33 20.52
MN MN F . -9.38 -1.72 17.31
MN MN G . -2.86 -29.71 4.59
MN MN H . -4.43 -27.27 2.11
MN MN I . 13.40 23.02 -6.57
MN MN J . 11.42 19.70 -5.92
MN MN K . 2.83 10.20 -34.97
MN MN L . 4.09 7.80 -32.83
#